data_4PTV
#
_entry.id   4PTV
#
_cell.length_a   87.753
_cell.length_b   99.068
_cell.length_c   108.090
_cell.angle_alpha   90.00
_cell.angle_beta   90.00
_cell.angle_gamma   90.00
#
_symmetry.space_group_name_H-M   'P 21 21 21'
#
loop_
_entity.id
_entity.type
_entity.pdbx_description
1 polymer 'Glycoside hydrolase family 1'
2 branched beta-D-glucopyranose-(1-4)-4-thio-beta-D-glucopyranose
3 non-polymer 'CESIUM ION'
4 non-polymer 2-{2-[2-(2-{2-[2-(2-ETHOXY-ETHOXY)-ETHOXY]-ETHOXY}-ETHOXY)-ETHOXY]-ETHOXY}-ETHANOL
5 water water
#
_entity_poly.entity_id   1
_entity_poly.type   'polypeptide(L)'
_entity_poly.pdbx_seq_one_letter_code
;SMAKIIFPEDFIWGAATSSYQIEGAFNEDGKGESIWDRFSHTPGKIENGDTGDIACDHYHLYREDIELMKEIGIRSYRFS
TSWPRILPEGKGRVNQKGLDFYKRLVDNLLKANIRPMITLYHWDLPQALQDKGGWTNRDTAKYFAEYARLMFEEFNGLVD
LWVTHNEPWVVAFEGHAFGNHAPGTKDFKTALQVAHHLLLSHGMAVDIFREEDLPGEIGITLNLTPAYPAGDSEKDVKAA
SLLDDYINAWFLSPVFKGSYPEELHHIYEQNLGAFTTQPGDMDIISRDIDFLGINYYSRMVVRHKPGDNLFNAEVVKMED
RPSTEMGWEIYPQGLYDILVRVNKEYTDKPLYITENGAAFDDKLTEEGKIHDEKRINYLGDHFKQAYKALKDGVPLRGYY
VWSLMDNFEWAYGYSKRFGLIYVDYENGNRRFLKDSALWYREVIEKGQVEAN
;
_entity_poly.pdbx_strand_id   A,B
#
# COMPACT_ATOMS: atom_id res chain seq x y z
N ILE A 5 -46.79 -3.71 -20.58
CA ILE A 5 -45.36 -3.85 -20.31
C ILE A 5 -44.64 -4.49 -21.50
N ILE A 6 -44.63 -3.77 -22.62
CA ILE A 6 -43.85 -4.15 -23.79
C ILE A 6 -42.65 -3.20 -23.88
N PHE A 7 -41.45 -3.74 -23.99
CA PHE A 7 -40.27 -2.91 -24.16
C PHE A 7 -40.06 -2.55 -25.63
N PRO A 8 -39.28 -1.48 -25.90
CA PRO A 8 -38.99 -1.11 -27.29
C PRO A 8 -38.44 -2.30 -28.09
N GLU A 9 -38.80 -2.38 -29.37
CA GLU A 9 -38.37 -3.48 -30.23
C GLU A 9 -36.85 -3.64 -30.24
N ASP A 10 -36.15 -2.51 -30.34
CA ASP A 10 -34.70 -2.51 -30.46
C ASP A 10 -33.98 -2.36 -29.11
N PHE A 11 -34.69 -2.56 -28.00
CA PHE A 11 -34.09 -2.50 -26.68
C PHE A 11 -32.98 -3.53 -26.58
N ILE A 12 -31.81 -3.12 -26.09
CA ILE A 12 -30.67 -4.03 -25.97
C ILE A 12 -30.67 -4.82 -24.67
N TRP A 13 -31.18 -6.06 -24.71
CA TRP A 13 -31.14 -6.96 -23.57
C TRP A 13 -29.82 -7.74 -23.54
N GLY A 14 -29.04 -7.59 -22.47
CA GLY A 14 -27.76 -8.29 -22.37
C GLY A 14 -27.46 -8.98 -21.05
N ALA A 15 -26.27 -9.56 -20.97
CA ALA A 15 -25.73 -10.04 -19.71
C ALA A 15 -24.26 -9.61 -19.63
N ALA A 16 -23.71 -9.50 -18.42
CA ALA A 16 -22.36 -8.95 -18.20
C ALA A 16 -21.49 -9.88 -17.38
N THR A 17 -20.17 -9.78 -17.59
CA THR A 17 -19.16 -10.47 -16.78
C THR A 17 -17.93 -9.58 -16.67
N SER A 18 -16.90 -10.05 -15.97
CA SER A 18 -15.61 -9.35 -16.00
C SER A 18 -14.49 -10.38 -16.08
N SER A 19 -13.34 -9.98 -16.62
CA SER A 19 -12.25 -10.90 -16.90
C SER A 19 -11.72 -11.69 -15.69
N TYR A 20 -11.35 -11.02 -14.60
CA TYR A 20 -10.83 -11.79 -13.47
C TYR A 20 -11.86 -12.72 -12.86
N GLN A 21 -13.13 -12.35 -12.92
CA GLN A 21 -14.15 -13.14 -12.26
C GLN A 21 -14.44 -14.46 -12.96
N ILE A 22 -14.16 -14.55 -14.26
CA ILE A 22 -14.56 -15.78 -15.00
C ILE A 22 -13.46 -16.49 -15.79
N GLU A 23 -12.38 -15.79 -16.12
CA GLU A 23 -11.46 -16.33 -17.15
C GLU A 23 -10.60 -17.49 -16.71
N GLY A 24 -10.00 -17.38 -15.53
CA GLY A 24 -8.96 -18.31 -15.12
C GLY A 24 -7.72 -18.10 -15.95
N ALA A 25 -6.95 -19.17 -16.19
CA ALA A 25 -5.70 -19.09 -16.94
C ALA A 25 -4.84 -17.91 -16.45
N PHE A 26 -4.69 -17.80 -15.13
CA PHE A 26 -4.11 -16.60 -14.51
C PHE A 26 -2.64 -16.34 -14.87
N ASN A 27 -1.89 -17.39 -15.19
CA ASN A 27 -0.50 -17.19 -15.61
C ASN A 27 -0.19 -17.97 -16.87
N GLU A 28 -1.16 -18.07 -17.76
CA GLU A 28 -1.03 -18.94 -18.91
C GLU A 28 -0.80 -18.09 -20.16
N ASP A 29 -0.06 -18.64 -21.13
CA ASP A 29 0.15 -18.01 -22.44
C ASP A 29 0.64 -16.56 -22.36
N GLY A 30 1.64 -16.29 -21.53
CA GLY A 30 2.24 -14.96 -21.49
C GLY A 30 1.57 -13.91 -20.60
N LYS A 31 0.44 -14.24 -19.98
CA LYS A 31 -0.26 -13.26 -19.14
C LYS A 31 0.58 -12.80 -17.95
N GLY A 32 0.54 -11.49 -17.69
CA GLY A 32 1.25 -10.93 -16.54
C GLY A 32 0.38 -10.95 -15.29
N GLU A 33 1.02 -10.92 -14.13
CA GLU A 33 0.32 -10.90 -12.85
C GLU A 33 -0.51 -9.63 -12.69
N SER A 34 -1.73 -9.75 -12.16
CA SER A 34 -2.52 -8.56 -11.81
C SER A 34 -2.51 -8.35 -10.29
N ILE A 35 -2.99 -7.19 -9.86
CA ILE A 35 -3.13 -6.95 -8.42
C ILE A 35 -4.11 -7.93 -7.75
N TRP A 36 -5.04 -8.48 -8.51
CA TRP A 36 -5.97 -9.49 -7.98
C TRP A 36 -5.37 -10.90 -7.88
N ASP A 37 -4.48 -11.27 -8.79
CA ASP A 37 -3.66 -12.47 -8.55
C ASP A 37 -2.92 -12.32 -7.21
N ARG A 38 -2.28 -11.16 -7.02
CA ARG A 38 -1.47 -10.95 -5.82
C ARG A 38 -2.35 -10.91 -4.57
N PHE A 39 -3.45 -10.15 -4.65
CA PHE A 39 -4.37 -10.00 -3.52
C PHE A 39 -4.97 -11.33 -3.10
N SER A 40 -5.43 -12.12 -4.07
CA SER A 40 -6.06 -13.41 -3.81
CA SER A 40 -6.08 -13.38 -3.72
C SER A 40 -5.07 -14.43 -3.23
N HIS A 41 -3.79 -14.24 -3.53
CA HIS A 41 -2.76 -15.14 -3.02
C HIS A 41 -2.13 -14.60 -1.74
N THR A 42 -2.75 -13.56 -1.17
CA THR A 42 -2.31 -13.02 0.10
C THR A 42 -3.28 -13.54 1.16
N PRO A 43 -2.76 -14.19 2.21
CA PRO A 43 -3.62 -14.82 3.23
C PRO A 43 -4.57 -13.86 3.94
N GLY A 44 -5.78 -14.34 4.24
CA GLY A 44 -6.77 -13.59 5.00
C GLY A 44 -7.61 -12.62 4.19
N LYS A 45 -7.43 -12.57 2.87
CA LYS A 45 -8.12 -11.56 2.06
C LYS A 45 -9.43 -12.03 1.41
N ILE A 46 -9.52 -13.33 1.12
CA ILE A 46 -10.68 -13.85 0.39
C ILE A 46 -11.34 -14.91 1.25
N GLU A 47 -12.67 -14.93 1.25
CA GLU A 47 -13.41 -15.95 1.99
C GLU A 47 -12.96 -17.34 1.54
N ASN A 48 -12.70 -18.21 2.51
CA ASN A 48 -12.26 -19.60 2.24
C ASN A 48 -10.94 -19.76 1.48
N GLY A 49 -10.20 -18.66 1.32
CA GLY A 49 -8.97 -18.69 0.56
C GLY A 49 -9.18 -18.96 -0.92
N ASP A 50 -10.35 -18.61 -1.44
CA ASP A 50 -10.64 -18.81 -2.86
C ASP A 50 -9.71 -17.93 -3.69
N THR A 51 -9.42 -18.33 -4.93
CA THR A 51 -8.72 -17.46 -5.87
C THR A 51 -9.38 -17.53 -7.23
N GLY A 52 -8.97 -16.62 -8.11
CA GLY A 52 -9.47 -16.63 -9.46
C GLY A 52 -8.53 -17.35 -10.42
N ASP A 53 -7.68 -18.23 -9.86
CA ASP A 53 -6.69 -18.96 -10.65
C ASP A 53 -7.31 -19.69 -11.83
N ILE A 54 -8.44 -20.34 -11.57
CA ILE A 54 -9.19 -21.11 -12.56
C ILE A 54 -10.57 -20.51 -12.84
N ALA A 55 -11.25 -20.11 -11.77
CA ALA A 55 -12.59 -19.50 -11.86
C ALA A 55 -13.51 -20.35 -12.71
N CYS A 56 -14.15 -19.73 -13.71
CA CYS A 56 -15.04 -20.47 -14.60
C CYS A 56 -14.30 -21.06 -15.79
N ASP A 57 -12.98 -20.82 -15.88
CA ASP A 57 -12.16 -21.30 -16.99
C ASP A 57 -12.71 -20.85 -18.34
N HIS A 58 -13.23 -19.63 -18.37
CA HIS A 58 -13.82 -19.09 -19.60
C HIS A 58 -12.76 -18.94 -20.68
N TYR A 59 -11.51 -18.75 -20.26
CA TYR A 59 -10.43 -18.60 -21.26
C TYR A 59 -10.37 -19.83 -22.16
N HIS A 60 -10.63 -20.99 -21.59
CA HIS A 60 -10.68 -22.23 -22.39
C HIS A 60 -12.08 -22.60 -22.86
N LEU A 61 -13.10 -22.22 -22.09
CA LEU A 61 -14.48 -22.66 -22.40
C LEU A 61 -15.34 -21.65 -23.17
N TYR A 62 -14.74 -20.57 -23.65
CA TYR A 62 -15.53 -19.47 -24.28
C TYR A 62 -16.49 -19.89 -25.41
N ARG A 63 -16.11 -20.89 -26.22
CA ARG A 63 -16.97 -21.33 -27.32
C ARG A 63 -18.27 -21.96 -26.79
N GLU A 64 -18.18 -22.67 -25.67
CA GLU A 64 -19.36 -23.26 -25.05
C GLU A 64 -20.21 -22.16 -24.40
N ASP A 65 -19.55 -21.15 -23.85
CA ASP A 65 -20.28 -20.06 -23.21
C ASP A 65 -21.07 -19.25 -24.23
N ILE A 66 -20.52 -19.09 -25.42
CA ILE A 66 -21.24 -18.40 -26.48
C ILE A 66 -22.45 -19.19 -26.97
N GLU A 67 -22.34 -20.52 -27.01
CA GLU A 67 -23.52 -21.33 -27.30
C GLU A 67 -24.61 -21.13 -26.25
N LEU A 68 -24.22 -20.96 -25.00
CA LEU A 68 -25.18 -20.76 -23.94
C LEU A 68 -25.80 -19.37 -24.08
N MET A 69 -25.00 -18.40 -24.54
CA MET A 69 -25.53 -17.05 -24.75
C MET A 69 -26.63 -17.11 -25.80
N LYS A 70 -26.38 -17.88 -26.84
CA LYS A 70 -27.34 -18.09 -27.93
C LYS A 70 -28.63 -18.73 -27.44
N GLU A 71 -28.52 -19.70 -26.54
CA GLU A 71 -29.71 -20.34 -25.95
C GLU A 71 -30.54 -19.34 -25.16
N ILE A 72 -29.88 -18.44 -24.42
CA ILE A 72 -30.59 -17.43 -23.65
C ILE A 72 -31.20 -16.36 -24.59
N GLY A 73 -30.54 -16.11 -25.70
CA GLY A 73 -31.04 -15.13 -26.66
C GLY A 73 -30.62 -13.70 -26.40
N ILE A 74 -29.55 -13.49 -25.64
CA ILE A 74 -29.11 -12.12 -25.37
C ILE A 74 -28.70 -11.41 -26.67
N ARG A 75 -28.97 -10.10 -26.73
CA ARG A 75 -28.65 -9.31 -27.90
C ARG A 75 -27.27 -8.73 -27.80
N SER A 76 -26.75 -8.65 -26.58
CA SER A 76 -25.46 -8.04 -26.36
C SER A 76 -24.78 -8.70 -25.16
N TYR A 77 -23.46 -8.80 -25.22
CA TYR A 77 -22.66 -9.37 -24.13
C TYR A 77 -21.63 -8.35 -23.69
N ARG A 78 -21.69 -7.93 -22.42
CA ARG A 78 -20.72 -6.99 -21.86
C ARG A 78 -19.66 -7.77 -21.10
N PHE A 79 -18.40 -7.57 -21.48
CA PHE A 79 -17.30 -8.26 -20.85
C PHE A 79 -16.14 -7.27 -20.71
N SER A 80 -15.16 -7.61 -19.88
CA SER A 80 -13.99 -6.75 -19.79
C SER A 80 -12.78 -7.47 -20.33
N THR A 81 -11.79 -6.69 -20.75
CA THR A 81 -10.55 -7.24 -21.26
C THR A 81 -9.50 -7.11 -20.17
N SER A 82 -8.66 -8.13 -20.03
CA SER A 82 -7.60 -8.09 -19.01
C SER A 82 -6.36 -7.35 -19.54
N TRP A 83 -6.10 -6.18 -18.97
CA TRP A 83 -4.94 -5.38 -19.33
C TRP A 83 -3.63 -6.20 -19.19
N PRO A 84 -3.40 -6.87 -18.04
CA PRO A 84 -2.15 -7.63 -17.95
C PRO A 84 -2.12 -8.89 -18.82
N ARG A 85 -3.26 -9.35 -19.33
CA ARG A 85 -3.23 -10.43 -20.31
C ARG A 85 -2.76 -9.91 -21.66
N ILE A 86 -2.93 -8.61 -21.89
CA ILE A 86 -2.62 -7.99 -23.19
C ILE A 86 -1.25 -7.28 -23.20
N LEU A 87 -0.96 -6.55 -22.14
CA LEU A 87 0.35 -5.96 -21.90
C LEU A 87 0.80 -6.44 -20.53
N PRO A 88 1.62 -7.51 -20.47
CA PRO A 88 1.94 -8.15 -19.19
C PRO A 88 2.50 -7.22 -18.12
N GLU A 89 3.22 -6.19 -18.54
N GLU A 89 3.22 -6.18 -18.53
CA GLU A 89 3.80 -5.22 -17.60
CA GLU A 89 3.77 -5.23 -17.56
C GLU A 89 3.04 -3.90 -17.56
C GLU A 89 3.04 -3.90 -17.57
N GLY A 90 1.89 -3.85 -18.25
CA GLY A 90 1.07 -2.63 -18.27
C GLY A 90 1.47 -1.71 -19.40
N LYS A 91 2.76 -1.73 -19.73
CA LYS A 91 3.32 -0.98 -20.82
C LYS A 91 4.39 -1.92 -21.36
N GLY A 92 5.03 -1.58 -22.48
CA GLY A 92 6.05 -2.47 -23.03
C GLY A 92 5.45 -3.47 -24.01
N ARG A 93 5.91 -4.71 -23.94
CA ARG A 93 5.50 -5.73 -24.91
C ARG A 93 4.00 -6.07 -24.86
N VAL A 94 3.47 -6.35 -26.04
CA VAL A 94 2.13 -6.91 -26.16
C VAL A 94 2.24 -8.42 -26.08
N ASN A 95 1.27 -9.04 -25.42
CA ASN A 95 1.20 -10.50 -25.38
C ASN A 95 0.23 -10.96 -26.47
N GLN A 96 0.77 -11.35 -27.61
CA GLN A 96 -0.06 -11.66 -28.79
C GLN A 96 -1.10 -12.75 -28.55
N LYS A 97 -0.76 -13.78 -27.77
CA LYS A 97 -1.74 -14.83 -27.43
C LYS A 97 -2.91 -14.30 -26.59
N GLY A 98 -2.61 -13.35 -25.73
CA GLY A 98 -3.67 -12.70 -25.00
C GLY A 98 -4.62 -11.91 -25.85
N LEU A 99 -4.05 -11.13 -26.72
CA LEU A 99 -4.84 -10.41 -27.67
C LEU A 99 -5.59 -11.38 -28.59
N ASP A 100 -4.94 -12.45 -28.98
CA ASP A 100 -5.58 -13.41 -29.84
C ASP A 100 -6.87 -13.99 -29.18
N PHE A 101 -6.89 -14.18 -27.89
CA PHE A 101 -8.04 -14.76 -27.19
C PHE A 101 -9.25 -13.84 -27.39
N TYR A 102 -9.07 -12.56 -27.11
CA TYR A 102 -10.17 -11.59 -27.31
C TYR A 102 -10.59 -11.50 -28.80
N LYS A 103 -9.62 -11.59 -29.72
CA LYS A 103 -9.98 -11.61 -31.14
C LYS A 103 -10.88 -12.78 -31.52
N ARG A 104 -10.54 -13.97 -31.03
CA ARG A 104 -11.38 -15.16 -31.25
C ARG A 104 -12.74 -14.95 -30.62
N LEU A 105 -12.75 -14.37 -29.42
CA LEU A 105 -13.99 -14.18 -28.67
C LEU A 105 -14.91 -13.24 -29.44
N VAL A 106 -14.37 -12.11 -29.89
CA VAL A 106 -15.18 -11.15 -30.63
C VAL A 106 -15.70 -11.74 -31.96
N ASP A 107 -14.82 -12.43 -32.69
CA ASP A 107 -15.24 -13.07 -33.94
CA ASP A 107 -15.22 -13.10 -33.93
C ASP A 107 -16.39 -14.04 -33.68
N ASN A 108 -16.28 -14.86 -32.64
CA ASN A 108 -17.34 -15.82 -32.28
C ASN A 108 -18.65 -15.12 -31.89
N LEU A 109 -18.55 -14.02 -31.15
CA LEU A 109 -19.75 -13.26 -30.77
C LEU A 109 -20.45 -12.70 -32.00
N LEU A 110 -19.67 -12.12 -32.91
CA LEU A 110 -20.25 -11.51 -34.12
C LEU A 110 -20.92 -12.55 -35.02
N LYS A 111 -20.33 -13.73 -35.10
CA LYS A 111 -20.93 -14.82 -35.88
C LYS A 111 -22.24 -15.36 -35.28
N ALA A 112 -22.39 -15.23 -33.97
CA ALA A 112 -23.63 -15.58 -33.29
C ALA A 112 -24.63 -14.43 -33.22
N ASN A 113 -24.31 -13.32 -33.90
CA ASN A 113 -25.18 -12.13 -33.89
C ASN A 113 -25.36 -11.53 -32.49
N ILE A 114 -24.28 -11.54 -31.70
CA ILE A 114 -24.32 -10.98 -30.36
C ILE A 114 -23.42 -9.75 -30.32
N ARG A 115 -23.99 -8.62 -29.95
CA ARG A 115 -23.28 -7.35 -30.01
C ARG A 115 -22.36 -7.19 -28.80
N PRO A 116 -21.04 -7.11 -29.03
CA PRO A 116 -20.12 -6.99 -27.88
C PRO A 116 -20.09 -5.59 -27.30
N MET A 117 -19.99 -5.49 -25.97
CA MET A 117 -19.63 -4.24 -25.31
C MET A 117 -18.40 -4.52 -24.47
N ILE A 118 -17.32 -3.77 -24.71
CA ILE A 118 -16.08 -3.99 -23.95
C ILE A 118 -15.89 -2.97 -22.83
N THR A 119 -15.65 -3.47 -21.63
CA THR A 119 -15.17 -2.65 -20.52
C THR A 119 -13.66 -2.76 -20.51
N LEU A 120 -12.96 -1.64 -20.62
CA LEU A 120 -11.48 -1.67 -20.68
C LEU A 120 -10.83 -1.98 -19.34
N TYR A 121 -11.39 -1.43 -18.27
CA TYR A 121 -10.81 -1.61 -16.94
C TYR A 121 -11.86 -2.05 -15.95
N HIS A 122 -11.83 -3.32 -15.60
CA HIS A 122 -12.72 -3.85 -14.60
C HIS A 122 -11.86 -4.45 -13.48
N TRP A 123 -10.91 -3.64 -13.02
CA TRP A 123 -10.24 -3.76 -11.69
C TRP A 123 -8.94 -4.53 -11.66
N ASP A 124 -8.59 -5.18 -12.76
CA ASP A 124 -7.41 -6.06 -12.77
C ASP A 124 -6.13 -5.35 -13.27
N LEU A 125 -5.67 -4.37 -12.50
CA LEU A 125 -4.46 -3.62 -12.85
C LEU A 125 -3.23 -4.55 -12.88
N PRO A 126 -2.37 -4.39 -13.89
CA PRO A 126 -1.09 -5.12 -13.88
C PRO A 126 -0.33 -4.86 -12.58
N GLN A 127 0.18 -5.89 -11.94
CA GLN A 127 0.95 -5.72 -10.71
C GLN A 127 2.22 -4.90 -10.95
N ALA A 128 2.81 -5.01 -12.14
CA ALA A 128 4.01 -4.23 -12.44
C ALA A 128 3.72 -2.74 -12.34
N LEU A 129 2.50 -2.34 -12.67
CA LEU A 129 2.13 -0.93 -12.55
C LEU A 129 1.85 -0.56 -11.10
N GLN A 130 1.37 -1.52 -10.31
CA GLN A 130 1.12 -1.27 -8.89
C GLN A 130 2.45 -1.12 -8.14
N ASP A 131 3.46 -1.86 -8.57
CA ASP A 131 4.80 -1.75 -7.95
C ASP A 131 5.40 -0.36 -8.15
N LYS A 132 4.92 0.36 -9.17
CA LYS A 132 5.26 1.77 -9.37
C LYS A 132 4.15 2.72 -8.93
N GLY A 133 3.35 2.31 -7.94
CA GLY A 133 2.37 3.21 -7.33
C GLY A 133 0.94 3.04 -7.79
N GLY A 134 0.73 2.29 -8.88
CA GLY A 134 -0.62 2.04 -9.35
C GLY A 134 -1.36 3.34 -9.58
N TRP A 135 -2.62 3.40 -9.15
CA TRP A 135 -3.44 4.57 -9.49
C TRP A 135 -3.07 5.89 -8.79
N THR A 136 -2.16 5.88 -7.81
CA THR A 136 -1.65 7.16 -7.27
C THR A 136 -0.57 7.76 -8.16
N ASN A 137 -0.05 6.98 -9.11
CA ASN A 137 0.93 7.47 -10.08
C ASN A 137 0.20 7.99 -11.31
N ARG A 138 0.38 9.28 -11.60
CA ARG A 138 -0.29 9.89 -12.75
C ARG A 138 0.05 9.20 -14.08
N ASP A 139 1.26 8.64 -14.18
CA ASP A 139 1.65 7.84 -15.35
C ASP A 139 0.74 6.63 -15.64
N THR A 140 0.12 6.07 -14.60
CA THR A 140 -0.78 4.94 -14.81
C THR A 140 -1.96 5.35 -15.68
N ALA A 141 -2.37 6.61 -15.54
CA ALA A 141 -3.44 7.13 -16.37
C ALA A 141 -3.01 7.20 -17.83
N LYS A 142 -1.75 7.58 -18.07
CA LYS A 142 -1.18 7.61 -19.42
C LYS A 142 -1.12 6.21 -20.04
N TYR A 143 -0.63 5.25 -19.26
CA TYR A 143 -0.54 3.87 -19.74
C TYR A 143 -1.92 3.26 -19.99
N PHE A 144 -2.90 3.61 -19.17
CA PHE A 144 -4.27 3.21 -19.48
C PHE A 144 -4.70 3.75 -20.85
N ALA A 145 -4.51 5.04 -21.07
CA ALA A 145 -4.82 5.66 -22.38
C ALA A 145 -4.15 4.93 -23.57
N GLU A 146 -2.89 4.51 -23.40
CA GLU A 146 -2.17 3.81 -24.47
C GLU A 146 -2.78 2.43 -24.73
N TYR A 147 -3.17 1.75 -23.65
CA TYR A 147 -3.86 0.46 -23.73
C TYR A 147 -5.22 0.59 -24.42
N ALA A 148 -5.96 1.63 -24.09
CA ALA A 148 -7.20 1.94 -24.79
C ALA A 148 -6.97 2.09 -26.29
N ARG A 149 -5.98 2.90 -26.66
CA ARG A 149 -5.71 3.12 -28.08
C ARG A 149 -5.42 1.80 -28.80
N LEU A 150 -4.68 0.92 -28.13
CA LEU A 150 -4.30 -0.37 -28.70
C LEU A 150 -5.56 -1.18 -29.01
N MET A 151 -6.48 -1.23 -28.05
CA MET A 151 -7.74 -1.96 -28.21
C MET A 151 -8.69 -1.33 -29.24
N PHE A 152 -8.82 0.00 -29.21
CA PHE A 152 -9.63 0.69 -30.23
C PHE A 152 -9.13 0.33 -31.63
N GLU A 153 -7.81 0.38 -31.83
CA GLU A 153 -7.26 0.09 -33.15
C GLU A 153 -7.46 -1.38 -33.55
N GLU A 154 -7.24 -2.30 -32.61
CA GLU A 154 -7.44 -3.72 -32.87
C GLU A 154 -8.89 -4.07 -33.24
N PHE A 155 -9.85 -3.46 -32.56
CA PHE A 155 -11.27 -3.77 -32.77
C PHE A 155 -12.08 -2.70 -33.52
N ASN A 156 -11.37 -1.80 -34.19
CA ASN A 156 -11.98 -0.84 -35.11
C ASN A 156 -12.83 -1.55 -36.16
N GLY A 157 -14.14 -1.31 -36.14
CA GLY A 157 -15.06 -1.94 -37.08
C GLY A 157 -15.65 -3.24 -36.57
N LEU A 158 -15.20 -3.70 -35.40
CA LEU A 158 -15.65 -4.97 -34.82
C LEU A 158 -16.47 -4.78 -33.54
N VAL A 159 -16.03 -3.84 -32.70
CA VAL A 159 -16.71 -3.54 -31.45
C VAL A 159 -17.17 -2.09 -31.48
N ASP A 160 -18.47 -1.86 -31.27
CA ASP A 160 -18.99 -0.49 -31.35
C ASP A 160 -19.58 0.04 -30.04
N LEU A 161 -19.38 -0.71 -28.96
CA LEU A 161 -19.81 -0.25 -27.65
C LEU A 161 -18.65 -0.41 -26.68
N TRP A 162 -18.22 0.70 -26.10
CA TRP A 162 -17.03 0.71 -25.27
C TRP A 162 -17.31 1.41 -23.94
N VAL A 163 -16.76 0.86 -22.86
CA VAL A 163 -16.82 1.47 -21.54
C VAL A 163 -15.38 1.61 -21.06
N THR A 164 -14.97 2.80 -20.64
CA THR A 164 -13.59 2.98 -20.21
C THR A 164 -13.36 2.25 -18.90
N HIS A 165 -14.17 2.60 -17.90
CA HIS A 165 -13.99 2.16 -16.52
C HIS A 165 -15.25 1.59 -15.92
N ASN A 166 -15.12 0.50 -15.15
CA ASN A 166 -16.21 -0.01 -14.34
C ASN A 166 -16.08 0.42 -12.87
N GLU A 167 -17.11 1.10 -12.35
CA GLU A 167 -17.22 1.44 -10.92
C GLU A 167 -15.95 2.04 -10.30
N PRO A 168 -15.53 3.22 -10.78
CA PRO A 168 -14.35 3.86 -10.19
C PRO A 168 -14.52 4.15 -8.69
N TRP A 169 -15.74 4.34 -8.17
CA TRP A 169 -15.92 4.50 -6.72
C TRP A 169 -15.34 3.28 -5.96
N VAL A 170 -15.69 2.08 -6.43
CA VAL A 170 -15.25 0.87 -5.75
C VAL A 170 -13.73 0.69 -5.84
N VAL A 171 -13.18 0.86 -7.05
CA VAL A 171 -11.73 0.79 -7.24
C VAL A 171 -11.02 1.71 -6.25
N ALA A 172 -11.46 2.97 -6.18
CA ALA A 172 -10.84 3.95 -5.28
C ALA A 172 -11.01 3.60 -3.80
N PHE A 173 -12.27 3.45 -3.37
CA PHE A 173 -12.52 3.33 -1.93
C PHE A 173 -12.40 1.92 -1.36
N GLU A 174 -12.97 0.91 -2.01
CA GLU A 174 -12.77 -0.46 -1.50
C GLU A 174 -11.33 -0.94 -1.71
N GLY A 175 -10.71 -0.49 -2.78
CA GLY A 175 -9.34 -0.90 -3.07
C GLY A 175 -8.30 -0.15 -2.27
N HIS A 176 -8.55 1.11 -1.91
CA HIS A 176 -7.49 1.96 -1.36
C HIS A 176 -7.83 2.65 -0.03
N ALA A 177 -9.12 2.76 0.33
CA ALA A 177 -9.51 3.35 1.62
C ALA A 177 -9.80 2.30 2.68
N PHE A 178 -10.52 1.26 2.28
CA PHE A 178 -11.00 0.27 3.25
C PHE A 178 -10.26 -1.04 3.10
N GLY A 179 -9.56 -1.19 1.98
CA GLY A 179 -8.62 -2.29 1.83
C GLY A 179 -9.29 -3.62 1.64
N ASN A 180 -10.56 -3.59 1.24
CA ASN A 180 -11.32 -4.82 1.03
C ASN A 180 -11.02 -5.44 -0.33
N HIS A 181 -10.64 -4.60 -1.29
CA HIS A 181 -10.31 -5.08 -2.64
C HIS A 181 -8.84 -4.83 -2.92
N ALA A 182 -8.28 -5.52 -3.93
CA ALA A 182 -6.94 -5.21 -4.40
C ALA A 182 -6.81 -3.69 -4.71
N PRO A 183 -5.65 -3.10 -4.36
CA PRO A 183 -4.43 -3.73 -3.86
C PRO A 183 -4.36 -3.82 -2.34
N GLY A 184 -5.42 -3.39 -1.66
CA GLY A 184 -5.54 -3.65 -0.24
C GLY A 184 -5.11 -2.50 0.66
N THR A 185 -4.98 -1.31 0.09
CA THR A 185 -4.52 -0.12 0.83
C THR A 185 -5.64 0.42 1.73
N LYS A 186 -5.27 1.10 2.81
CA LYS A 186 -6.27 1.63 3.74
C LYS A 186 -5.94 3.06 4.14
N ASP A 187 -6.15 4.01 3.22
CA ASP A 187 -5.72 5.40 3.40
C ASP A 187 -6.68 6.27 2.58
N PHE A 188 -7.56 6.99 3.26
CA PHE A 188 -8.61 7.72 2.58
C PHE A 188 -8.07 8.78 1.59
N LYS A 189 -6.97 9.46 1.94
CA LYS A 189 -6.36 10.44 1.04
CA LYS A 189 -6.36 10.44 1.05
C LYS A 189 -5.91 9.76 -0.25
N THR A 190 -5.32 8.58 -0.12
CA THR A 190 -4.90 7.80 -1.28
C THR A 190 -6.09 7.52 -2.19
N ALA A 191 -7.21 7.15 -1.58
CA ALA A 191 -8.42 6.85 -2.34
C ALA A 191 -8.89 8.05 -3.16
N LEU A 192 -8.82 9.24 -2.59
CA LEU A 192 -9.22 10.44 -3.30
C LEU A 192 -8.28 10.74 -4.48
N GLN A 193 -6.99 10.47 -4.30
CA GLN A 193 -6.03 10.70 -5.38
C GLN A 193 -6.28 9.69 -6.49
N VAL A 194 -6.61 8.46 -6.09
CA VAL A 194 -6.91 7.40 -7.06
C VAL A 194 -8.17 7.73 -7.87
N ALA A 195 -9.24 8.16 -7.19
CA ALA A 195 -10.45 8.58 -7.89
C ALA A 195 -10.16 9.64 -8.96
N HIS A 196 -9.30 10.61 -8.63
CA HIS A 196 -8.97 11.65 -9.58
C HIS A 196 -8.29 11.09 -10.83
N HIS A 197 -7.33 10.20 -10.63
CA HIS A 197 -6.61 9.59 -11.74
C HIS A 197 -7.44 8.60 -12.59
N LEU A 198 -8.39 7.90 -11.97
CA LEU A 198 -9.31 7.05 -12.74
C LEU A 198 -10.13 7.93 -13.69
N LEU A 199 -10.68 9.00 -13.15
CA LEU A 199 -11.43 9.98 -13.96
C LEU A 199 -10.58 10.62 -15.06
N LEU A 200 -9.34 10.98 -14.74
CA LEU A 200 -8.42 11.56 -15.74
C LEU A 200 -8.17 10.58 -16.89
N SER A 201 -7.92 9.34 -16.50
CA SER A 201 -7.61 8.28 -17.47
C SER A 201 -8.84 8.01 -18.35
N HIS A 202 -10.04 8.10 -17.78
CA HIS A 202 -11.26 8.02 -18.58
C HIS A 202 -11.30 9.08 -19.70
N GLY A 203 -11.17 10.35 -19.32
CA GLY A 203 -11.15 11.44 -20.29
C GLY A 203 -10.05 11.29 -21.34
N MET A 204 -8.87 10.84 -20.91
CA MET A 204 -7.78 10.60 -21.86
C MET A 204 -8.17 9.54 -22.90
N ALA A 205 -8.81 8.47 -22.45
CA ALA A 205 -9.30 7.44 -23.38
C ALA A 205 -10.38 7.97 -24.35
N VAL A 206 -11.30 8.80 -23.86
CA VAL A 206 -12.33 9.39 -24.73
C VAL A 206 -11.70 10.23 -25.84
N ASP A 207 -10.73 11.06 -25.47
CA ASP A 207 -10.00 11.86 -26.46
C ASP A 207 -9.39 10.98 -27.53
N ILE A 208 -8.84 9.85 -27.11
CA ILE A 208 -8.21 8.95 -28.07
C ILE A 208 -9.28 8.25 -28.93
N PHE A 209 -10.41 7.89 -28.33
CA PHE A 209 -11.53 7.34 -29.10
C PHE A 209 -11.93 8.27 -30.26
N ARG A 210 -12.06 9.57 -29.97
CA ARG A 210 -12.46 10.52 -31.00
C ARG A 210 -11.40 10.61 -32.11
N GLU A 211 -10.12 10.62 -31.72
CA GLU A 211 -9.03 10.84 -32.66
C GLU A 211 -8.88 9.65 -33.61
N GLU A 212 -9.02 8.44 -33.07
CA GLU A 212 -8.92 7.22 -33.87
C GLU A 212 -10.05 7.07 -34.87
N ASP A 213 -11.13 7.81 -34.63
CA ASP A 213 -12.30 7.84 -35.53
C ASP A 213 -13.00 6.48 -35.67
N LEU A 214 -13.10 5.72 -34.59
CA LEU A 214 -13.83 4.46 -34.63
C LEU A 214 -15.30 4.71 -34.87
N PRO A 215 -15.94 3.79 -35.60
CA PRO A 215 -17.40 3.75 -35.59
C PRO A 215 -17.79 3.30 -34.19
N GLY A 216 -18.87 3.85 -33.63
CA GLY A 216 -19.36 3.37 -32.35
C GLY A 216 -19.45 4.42 -31.24
N GLU A 217 -19.65 3.95 -30.02
CA GLU A 217 -19.98 4.83 -28.92
C GLU A 217 -19.16 4.47 -27.68
N ILE A 218 -18.79 5.49 -26.89
CA ILE A 218 -17.99 5.28 -25.69
C ILE A 218 -18.70 5.91 -24.50
N GLY A 219 -18.57 5.27 -23.34
CA GLY A 219 -19.16 5.79 -22.11
C GLY A 219 -18.32 5.38 -20.92
N ILE A 220 -18.88 5.57 -19.72
CA ILE A 220 -18.26 5.09 -18.49
C ILE A 220 -19.38 4.44 -17.71
N THR A 221 -19.06 3.48 -16.84
CA THR A 221 -20.04 2.76 -16.05
C THR A 221 -19.84 3.10 -14.58
N LEU A 222 -20.87 3.66 -13.93
CA LEU A 222 -20.78 4.06 -12.52
C LEU A 222 -21.73 3.23 -11.67
N ASN A 223 -21.26 2.78 -10.51
CA ASN A 223 -22.20 2.23 -9.55
C ASN A 223 -22.92 3.39 -8.88
N LEU A 224 -24.25 3.33 -8.85
CA LEU A 224 -25.04 4.38 -8.21
C LEU A 224 -25.98 3.80 -7.16
N THR A 225 -25.91 4.37 -5.95
CA THR A 225 -26.75 3.94 -4.84
C THR A 225 -27.45 5.17 -4.27
N PRO A 226 -28.74 5.33 -4.56
CA PRO A 226 -29.49 6.48 -4.04
C PRO A 226 -29.63 6.39 -2.51
N ALA A 227 -29.45 7.53 -1.83
CA ALA A 227 -29.59 7.56 -0.37
C ALA A 227 -30.95 8.13 0.04
N TYR A 228 -31.54 7.56 1.09
CA TYR A 228 -32.79 8.05 1.68
C TYR A 228 -32.62 8.26 3.18
N PRO A 229 -33.02 9.43 3.69
CA PRO A 229 -32.89 9.60 5.14
C PRO A 229 -33.88 8.72 5.92
N ALA A 230 -33.46 8.23 7.09
CA ALA A 230 -34.33 7.39 7.92
C ALA A 230 -35.56 8.13 8.40
N GLY A 231 -35.43 9.44 8.64
CA GLY A 231 -36.53 10.26 9.13
C GLY A 231 -36.42 11.71 8.72
N ASP A 232 -37.33 12.55 9.22
CA ASP A 232 -37.44 13.94 8.78
C ASP A 232 -36.49 14.91 9.48
N SER A 233 -35.68 14.39 10.41
CA SER A 233 -34.62 15.18 11.03
C SER A 233 -33.75 15.74 9.91
N GLU A 234 -33.40 17.02 10.00
CA GLU A 234 -32.57 17.60 8.96
C GLU A 234 -31.12 17.13 9.07
N LYS A 235 -30.76 16.64 10.25
CA LYS A 235 -29.48 15.96 10.45
C LYS A 235 -29.48 14.63 9.71
N ASP A 236 -30.65 13.97 9.69
CA ASP A 236 -30.82 12.76 8.90
C ASP A 236 -30.71 13.10 7.42
N VAL A 237 -31.46 14.13 7.00
CA VAL A 237 -31.47 14.55 5.61
C VAL A 237 -30.07 14.98 5.14
N LYS A 238 -29.34 15.71 5.99
CA LYS A 238 -28.00 16.15 5.61
C LYS A 238 -27.05 14.99 5.46
N ALA A 239 -27.06 14.07 6.42
CA ALA A 239 -26.22 12.88 6.38
C ALA A 239 -26.45 12.02 5.13
N ALA A 240 -27.72 11.84 4.76
CA ALA A 240 -28.08 11.07 3.58
C ALA A 240 -27.53 11.75 2.34
N SER A 241 -27.70 13.06 2.29
CA SER A 241 -27.20 13.87 1.19
C SER A 241 -25.68 13.72 1.01
N LEU A 242 -24.95 13.74 2.13
CA LEU A 242 -23.49 13.69 2.05
C LEU A 242 -23.00 12.32 1.60
N LEU A 243 -23.60 11.26 2.14
CA LEU A 243 -23.28 9.91 1.71
C LEU A 243 -23.59 9.73 0.23
N ASP A 244 -24.72 10.28 -0.20
CA ASP A 244 -25.15 10.18 -1.59
C ASP A 244 -24.12 10.85 -2.51
N ASP A 245 -23.64 12.03 -2.13
CA ASP A 245 -22.64 12.73 -2.93
C ASP A 245 -21.34 11.95 -2.96
N TYR A 246 -21.07 11.27 -1.85
CA TYR A 246 -19.83 10.55 -1.64
C TYR A 246 -19.65 9.41 -2.63
N ILE A 247 -20.77 8.76 -2.96
CA ILE A 247 -20.74 7.67 -3.95
C ILE A 247 -21.08 8.16 -5.36
N ASN A 248 -22.11 9.01 -5.47
CA ASN A 248 -22.72 9.33 -6.76
C ASN A 248 -22.19 10.60 -7.43
N ALA A 249 -22.46 11.76 -6.83
CA ALA A 249 -22.06 13.05 -7.36
C ALA A 249 -20.55 13.17 -7.51
N TRP A 250 -19.80 12.52 -6.63
CA TRP A 250 -18.34 12.59 -6.69
C TRP A 250 -17.79 12.17 -8.06
N PHE A 251 -18.52 11.30 -8.76
CA PHE A 251 -18.14 10.89 -10.12
C PHE A 251 -19.02 11.48 -11.22
N LEU A 252 -20.30 11.69 -10.91
CA LEU A 252 -21.27 12.25 -11.88
C LEU A 252 -21.02 13.72 -12.18
N SER A 253 -20.66 14.49 -11.15
CA SER A 253 -20.44 15.91 -11.37
C SER A 253 -19.18 16.21 -12.20
N PRO A 254 -18.06 15.53 -11.91
CA PRO A 254 -16.91 15.77 -12.78
C PRO A 254 -17.14 15.35 -14.23
N VAL A 255 -17.71 14.17 -14.47
CA VAL A 255 -17.94 13.70 -15.84
C VAL A 255 -18.88 14.62 -16.60
N PHE A 256 -19.96 15.02 -15.96
CA PHE A 256 -20.97 15.79 -16.66
C PHE A 256 -20.97 17.31 -16.46
N LYS A 257 -20.43 17.79 -15.34
CA LYS A 257 -20.47 19.22 -15.05
C LYS A 257 -19.08 19.85 -15.01
N GLY A 258 -18.04 19.00 -14.96
CA GLY A 258 -16.65 19.47 -14.95
C GLY A 258 -16.17 19.99 -13.61
N SER A 259 -16.83 19.54 -12.54
CA SER A 259 -16.42 19.94 -11.20
C SER A 259 -16.81 18.86 -10.19
N TYR A 260 -16.01 18.72 -9.13
CA TYR A 260 -16.41 17.88 -8.00
C TYR A 260 -17.56 18.56 -7.27
N PRO A 261 -18.40 17.78 -6.59
CA PRO A 261 -19.51 18.42 -5.86
C PRO A 261 -18.99 19.35 -4.77
N GLU A 262 -19.51 20.57 -4.72
CA GLU A 262 -18.82 21.65 -4.01
C GLU A 262 -18.71 21.46 -2.49
N GLU A 263 -19.81 21.07 -1.84
CA GLU A 263 -19.80 20.90 -0.39
C GLU A 263 -18.85 19.78 0.03
N LEU A 264 -18.93 18.65 -0.67
CA LEU A 264 -18.08 17.52 -0.36
C LEU A 264 -16.60 17.83 -0.62
N HIS A 265 -16.31 18.54 -1.72
CA HIS A 265 -14.95 18.88 -2.07
C HIS A 265 -14.30 19.75 -0.99
N HIS A 266 -15.10 20.67 -0.46
CA HIS A 266 -14.68 21.57 0.62
C HIS A 266 -14.43 20.80 1.92
N ILE A 267 -15.31 19.89 2.27
CA ILE A 267 -15.14 19.09 3.48
C ILE A 267 -13.87 18.22 3.41
N TYR A 268 -13.65 17.54 2.30
CA TYR A 268 -12.42 16.76 2.11
C TYR A 268 -11.17 17.63 2.26
N GLU A 269 -11.13 18.73 1.50
CA GLU A 269 -9.96 19.60 1.48
C GLU A 269 -9.64 20.19 2.85
N GLN A 270 -10.67 20.69 3.54
CA GLN A 270 -10.49 21.28 4.86
C GLN A 270 -9.93 20.29 5.86
N ASN A 271 -10.40 19.04 5.80
CA ASN A 271 -10.04 18.06 6.80
C ASN A 271 -8.86 17.18 6.43
N LEU A 272 -8.69 16.90 5.15
CA LEU A 272 -7.64 15.97 4.69
C LEU A 272 -6.49 16.66 3.94
N GLY A 273 -6.70 17.89 3.48
CA GLY A 273 -5.78 18.52 2.56
C GLY A 273 -6.19 18.19 1.13
N ALA A 274 -5.73 18.98 0.17
CA ALA A 274 -6.09 18.75 -1.23
C ALA A 274 -5.31 17.59 -1.84
N PHE A 275 -5.96 16.84 -2.74
CA PHE A 275 -5.23 15.88 -3.55
C PHE A 275 -4.63 16.64 -4.74
N THR A 276 -3.66 16.04 -5.40
CA THR A 276 -2.91 16.74 -6.45
C THR A 276 -3.61 16.72 -7.80
N THR A 277 -3.78 17.91 -8.38
CA THR A 277 -4.36 18.01 -9.71
C THR A 277 -3.51 18.97 -10.52
N GLN A 278 -3.69 18.92 -11.84
CA GLN A 278 -3.04 19.87 -12.74
C GLN A 278 -4.13 20.68 -13.45
N PRO A 279 -3.82 21.93 -13.80
CA PRO A 279 -4.78 22.76 -14.53
C PRO A 279 -5.23 22.06 -15.79
N GLY A 280 -6.51 22.09 -16.10
CA GLY A 280 -7.00 21.43 -17.29
C GLY A 280 -7.54 20.02 -17.07
N ASP A 281 -7.25 19.44 -15.91
CA ASP A 281 -7.72 18.08 -15.62
C ASP A 281 -9.24 17.98 -15.73
N MET A 282 -9.97 18.95 -15.18
CA MET A 282 -11.42 18.87 -15.20
C MET A 282 -12.02 18.92 -16.61
N ASP A 283 -11.33 19.62 -17.52
CA ASP A 283 -11.76 19.69 -18.90
C ASP A 283 -11.59 18.33 -19.55
N ILE A 284 -10.49 17.66 -19.23
CA ILE A 284 -10.27 16.30 -19.74
C ILE A 284 -11.28 15.30 -19.16
N ILE A 285 -11.52 15.39 -17.85
CA ILE A 285 -12.45 14.47 -17.19
C ILE A 285 -13.87 14.60 -17.74
N SER A 286 -14.25 15.82 -18.13
CA SER A 286 -15.60 16.10 -18.61
C SER A 286 -15.78 16.09 -20.12
N ARG A 287 -14.90 15.41 -20.87
CA ARG A 287 -15.08 15.29 -22.32
C ARG A 287 -16.45 14.68 -22.61
N ASP A 288 -17.09 15.15 -23.67
CA ASP A 288 -18.42 14.65 -24.04
C ASP A 288 -18.33 13.15 -24.30
N ILE A 289 -19.28 12.40 -23.75
CA ILE A 289 -19.37 10.97 -24.01
C ILE A 289 -20.68 10.61 -24.71
N ASP A 290 -20.80 9.36 -25.13
CA ASP A 290 -21.95 8.95 -25.93
C ASP A 290 -23.10 8.36 -25.11
N PHE A 291 -22.77 7.77 -23.97
CA PHE A 291 -23.80 7.18 -23.08
C PHE A 291 -23.26 7.06 -21.66
N LEU A 292 -24.14 6.86 -20.70
CA LEU A 292 -23.74 6.54 -19.33
C LEU A 292 -24.20 5.13 -18.99
N GLY A 293 -23.30 4.32 -18.42
CA GLY A 293 -23.66 3.01 -17.92
C GLY A 293 -23.90 3.10 -16.43
N ILE A 294 -25.07 2.63 -15.99
CA ILE A 294 -25.41 2.68 -14.56
C ILE A 294 -25.48 1.26 -14.04
N ASN A 295 -24.79 1.02 -12.92
CA ASN A 295 -24.89 -0.26 -12.24
C ASN A 295 -25.70 -0.04 -10.98
N TYR A 296 -26.87 -0.67 -10.92
CA TYR A 296 -27.74 -0.51 -9.76
C TYR A 296 -28.00 -1.85 -9.07
N TYR A 297 -27.93 -1.87 -7.73
CA TYR A 297 -28.31 -3.06 -6.96
C TYR A 297 -29.29 -2.80 -5.81
N SER A 298 -29.11 -1.68 -5.11
CA SER A 298 -29.89 -1.41 -3.91
C SER A 298 -29.81 0.07 -3.56
N ARG A 299 -30.44 0.45 -2.44
CA ARG A 299 -30.38 1.81 -1.93
C ARG A 299 -29.67 1.82 -0.59
N MET A 300 -29.46 3.01 -0.04
CA MET A 300 -29.06 3.10 1.36
C MET A 300 -30.01 4.00 2.11
N VAL A 301 -30.40 3.56 3.30
CA VAL A 301 -31.20 4.38 4.19
C VAL A 301 -30.22 4.93 5.22
N VAL A 302 -30.26 6.23 5.45
CA VAL A 302 -29.21 6.90 6.20
C VAL A 302 -29.73 7.75 7.37
N ARG A 303 -29.09 7.64 8.53
CA ARG A 303 -29.37 8.57 9.63
C ARG A 303 -28.10 9.17 10.22
N HIS A 304 -28.27 10.28 10.95
CA HIS A 304 -27.15 10.97 11.57
C HIS A 304 -26.77 10.25 12.85
N LYS A 305 -25.51 9.85 12.96
CA LYS A 305 -25.05 9.16 14.16
C LYS A 305 -23.54 9.34 14.32
N PRO A 306 -23.06 9.44 15.57
CA PRO A 306 -21.62 9.49 15.85
C PRO A 306 -20.90 8.35 15.17
N GLY A 307 -19.87 8.68 14.39
CA GLY A 307 -19.09 7.68 13.68
C GLY A 307 -17.72 8.22 13.32
N ASP A 308 -16.80 7.32 12.95
CA ASP A 308 -15.46 7.75 12.53
C ASP A 308 -15.40 8.03 11.03
N ASN A 309 -16.46 8.66 10.51
CA ASN A 309 -16.44 9.23 9.16
C ASN A 309 -16.82 10.71 9.24
N LEU A 310 -16.29 11.50 8.30
CA LEU A 310 -16.43 12.96 8.31
C LEU A 310 -17.88 13.43 8.23
N PHE A 311 -18.79 12.51 7.89
CA PHE A 311 -20.19 12.83 7.66
C PHE A 311 -21.07 12.58 8.89
N ASN A 312 -20.56 11.84 9.88
CA ASN A 312 -21.41 11.28 10.93
C ASN A 312 -22.67 10.68 10.32
N ALA A 313 -22.48 9.73 9.41
CA ALA A 313 -23.60 9.09 8.74
C ALA A 313 -23.53 7.59 8.96
N GLU A 314 -24.66 6.99 9.31
CA GLU A 314 -24.75 5.55 9.47
C GLU A 314 -25.75 4.99 8.46
N VAL A 315 -25.37 3.90 7.79
CA VAL A 315 -26.31 3.16 6.94
C VAL A 315 -27.17 2.29 7.83
N VAL A 316 -28.49 2.42 7.70
CA VAL A 316 -29.42 1.64 8.52
C VAL A 316 -29.71 0.26 7.91
N LYS A 317 -29.62 -0.78 8.72
CA LYS A 317 -29.98 -2.12 8.25
C LYS A 317 -31.51 -2.21 8.22
N MET A 318 -32.09 -2.47 7.05
CA MET A 318 -33.54 -2.57 6.96
C MET A 318 -33.99 -4.03 7.21
N GLU A 319 -33.91 -4.47 8.45
CA GLU A 319 -34.16 -5.89 8.79
C GLU A 319 -35.55 -6.38 8.44
N ASP A 320 -36.50 -5.45 8.35
CA ASP A 320 -37.91 -5.79 8.10
C ASP A 320 -38.27 -5.98 6.61
N ARG A 321 -37.29 -5.87 5.72
CA ARG A 321 -37.55 -5.86 4.28
C ARG A 321 -36.81 -7.01 3.58
N PRO A 322 -37.37 -7.53 2.49
CA PRO A 322 -36.71 -8.61 1.74
C PRO A 322 -35.27 -8.23 1.35
N SER A 323 -34.37 -9.20 1.45
CA SER A 323 -32.98 -8.93 1.08
C SER A 323 -32.37 -10.12 0.34
N THR A 324 -31.19 -9.91 -0.23
CA THR A 324 -30.49 -10.96 -0.96
C THR A 324 -29.49 -11.67 -0.08
N GLU A 325 -28.80 -12.65 -0.64
CA GLU A 325 -27.70 -13.33 0.05
C GLU A 325 -26.54 -12.38 0.41
N MET A 326 -26.48 -11.21 -0.22
CA MET A 326 -25.45 -10.23 0.17
C MET A 326 -25.91 -9.47 1.40
N GLY A 327 -27.19 -9.61 1.76
CA GLY A 327 -27.78 -8.82 2.84
C GLY A 327 -28.29 -7.48 2.34
N TRP A 328 -28.31 -7.30 1.02
CA TRP A 328 -28.75 -6.04 0.40
C TRP A 328 -30.27 -5.98 0.31
N GLU A 329 -30.83 -4.83 0.69
CA GLU A 329 -32.26 -4.63 0.58
C GLU A 329 -32.70 -4.75 -0.88
N ILE A 330 -33.80 -5.45 -1.13
CA ILE A 330 -34.45 -5.42 -2.43
C ILE A 330 -35.38 -4.19 -2.54
N TYR A 331 -34.99 -3.24 -3.39
CA TYR A 331 -35.66 -1.94 -3.51
C TYR A 331 -35.66 -1.48 -4.97
N PRO A 332 -36.51 -2.09 -5.80
CA PRO A 332 -36.58 -1.77 -7.23
C PRO A 332 -36.89 -0.30 -7.50
N GLN A 333 -37.70 0.33 -6.65
CA GLN A 333 -38.05 1.75 -6.82
C GLN A 333 -36.82 2.64 -6.99
N GLY A 334 -35.74 2.28 -6.30
CA GLY A 334 -34.46 2.98 -6.38
C GLY A 334 -33.89 3.08 -7.79
N LEU A 335 -34.15 2.05 -8.62
CA LEU A 335 -33.65 2.04 -9.99
C LEU A 335 -34.33 3.17 -10.79
N TYR A 336 -35.64 3.29 -10.62
CA TYR A 336 -36.41 4.35 -11.23
C TYR A 336 -35.90 5.70 -10.75
N ASP A 337 -35.79 5.85 -9.43
CA ASP A 337 -35.36 7.12 -8.84
C ASP A 337 -34.02 7.58 -9.43
N ILE A 338 -33.08 6.66 -9.54
CA ILE A 338 -31.74 7.05 -9.95
C ILE A 338 -31.69 7.37 -11.46
N LEU A 339 -32.43 6.64 -12.28
CA LEU A 339 -32.47 6.91 -13.72
C LEU A 339 -33.09 8.28 -13.99
N VAL A 340 -34.17 8.59 -13.27
CA VAL A 340 -34.85 9.87 -13.39
C VAL A 340 -33.96 11.01 -12.91
N ARG A 341 -33.26 10.80 -11.79
CA ARG A 341 -32.34 11.82 -11.27
C ARG A 341 -31.18 12.14 -12.21
N VAL A 342 -30.59 11.12 -12.83
CA VAL A 342 -29.47 11.31 -13.75
C VAL A 342 -29.94 12.13 -14.94
N ASN A 343 -31.11 11.77 -15.46
CA ASN A 343 -31.65 12.41 -16.65
C ASN A 343 -32.08 13.87 -16.43
N LYS A 344 -32.46 14.20 -15.21
CA LYS A 344 -32.87 15.56 -14.87
C LYS A 344 -31.69 16.44 -14.49
N GLU A 345 -30.80 15.91 -13.68
CA GLU A 345 -29.76 16.73 -13.05
C GLU A 345 -28.38 16.69 -13.73
N TYR A 346 -28.10 15.64 -14.50
CA TYR A 346 -26.74 15.49 -15.06
C TYR A 346 -26.63 15.47 -16.58
N THR A 347 -27.47 14.68 -17.25
CA THR A 347 -27.26 14.44 -18.69
C THR A 347 -28.52 14.03 -19.44
N ASP A 348 -28.62 14.45 -20.69
CA ASP A 348 -29.70 14.05 -21.58
C ASP A 348 -29.24 12.91 -22.49
N LYS A 349 -28.01 12.45 -22.30
CA LYS A 349 -27.45 11.36 -23.10
C LYS A 349 -28.19 10.04 -22.86
N PRO A 350 -28.12 9.11 -23.84
CA PRO A 350 -28.68 7.76 -23.66
C PRO A 350 -28.10 7.09 -22.43
N LEU A 351 -28.91 6.26 -21.78
CA LEU A 351 -28.50 5.54 -20.59
C LEU A 351 -28.61 4.04 -20.82
N TYR A 352 -27.72 3.29 -20.20
CA TYR A 352 -27.80 1.83 -20.20
C TYR A 352 -27.66 1.40 -18.75
N ILE A 353 -28.49 0.46 -18.31
CA ILE A 353 -28.20 -0.23 -17.07
C ILE A 353 -27.16 -1.30 -17.41
N THR A 354 -25.88 -1.03 -17.11
CA THR A 354 -24.82 -1.97 -17.51
C THR A 354 -24.68 -3.12 -16.52
N GLU A 355 -25.32 -3.01 -15.37
CA GLU A 355 -25.43 -4.12 -14.40
C GLU A 355 -26.68 -3.99 -13.53
N ASN A 356 -27.36 -5.13 -13.34
CA ASN A 356 -28.33 -5.30 -12.27
C ASN A 356 -28.59 -6.79 -12.10
N GLY A 357 -28.64 -7.24 -10.85
CA GLY A 357 -28.89 -8.63 -10.58
C GLY A 357 -28.81 -8.91 -9.09
N ALA A 358 -28.82 -10.19 -8.72
CA ALA A 358 -28.93 -10.54 -7.31
C ALA A 358 -28.28 -11.89 -6.99
N ALA A 359 -27.73 -11.99 -5.79
CA ALA A 359 -27.27 -13.29 -5.30
C ALA A 359 -28.32 -13.96 -4.42
N PHE A 360 -28.64 -15.22 -4.72
CA PHE A 360 -29.51 -16.03 -3.87
C PHE A 360 -28.87 -17.39 -3.65
N ASP A 361 -29.33 -18.11 -2.63
CA ASP A 361 -28.76 -19.39 -2.26
C ASP A 361 -29.20 -20.48 -3.25
N ASP A 362 -28.53 -20.55 -4.40
CA ASP A 362 -28.92 -21.46 -5.47
C ASP A 362 -28.60 -22.92 -5.17
N LYS A 363 -29.58 -23.80 -5.41
CA LYS A 363 -29.44 -25.23 -5.17
C LYS A 363 -29.50 -25.95 -6.51
N LEU A 364 -28.41 -26.60 -6.89
CA LEU A 364 -28.37 -27.42 -8.11
C LEU A 364 -28.92 -28.79 -7.79
N THR A 365 -29.97 -29.20 -8.52
CA THR A 365 -30.54 -30.52 -8.33
C THR A 365 -29.71 -31.57 -9.05
N GLU A 366 -29.91 -32.83 -8.68
CA GLU A 366 -29.17 -33.93 -9.26
C GLU A 366 -29.31 -33.97 -10.79
N GLU A 367 -30.42 -33.46 -11.31
CA GLU A 367 -30.67 -33.49 -12.76
C GLU A 367 -30.26 -32.19 -13.44
N GLY A 368 -29.62 -31.31 -12.68
CA GLY A 368 -29.05 -30.09 -13.24
C GLY A 368 -30.02 -28.94 -13.36
N LYS A 369 -31.02 -28.91 -12.49
CA LYS A 369 -32.01 -27.84 -12.49
C LYS A 369 -31.72 -26.85 -11.36
N ILE A 370 -31.98 -25.56 -11.63
CA ILE A 370 -31.86 -24.55 -10.60
C ILE A 370 -33.13 -23.70 -10.62
N HIS A 371 -33.97 -23.87 -9.60
CA HIS A 371 -35.27 -23.22 -9.55
C HIS A 371 -35.17 -21.90 -8.83
N ASP A 372 -34.53 -20.92 -9.44
CA ASP A 372 -34.25 -19.66 -8.75
C ASP A 372 -35.39 -18.64 -8.85
N GLU A 373 -36.54 -18.97 -8.24
CA GLU A 373 -37.71 -18.09 -8.29
C GLU A 373 -37.43 -16.70 -7.75
N LYS A 374 -36.57 -16.62 -6.73
CA LYS A 374 -36.30 -15.35 -6.07
C LYS A 374 -35.57 -14.39 -7.01
N ARG A 375 -34.72 -14.94 -7.87
CA ARG A 375 -34.00 -14.14 -8.87
C ARG A 375 -34.93 -13.69 -9.99
N ILE A 376 -35.82 -14.58 -10.43
CA ILE A 376 -36.86 -14.21 -11.38
C ILE A 376 -37.71 -13.05 -10.86
N ASN A 377 -38.15 -13.14 -9.61
CA ASN A 377 -38.91 -12.07 -8.98
C ASN A 377 -38.12 -10.77 -8.89
N TYR A 378 -36.88 -10.86 -8.41
CA TYR A 378 -35.97 -9.71 -8.37
C TYR A 378 -35.80 -9.07 -9.74
N LEU A 379 -35.46 -9.86 -10.76
CA LEU A 379 -35.23 -9.29 -12.09
C LEU A 379 -36.50 -8.66 -12.71
N GLY A 380 -37.63 -9.36 -12.63
CA GLY A 380 -38.89 -8.84 -13.17
C GLY A 380 -39.31 -7.54 -12.50
N ASP A 381 -39.14 -7.49 -11.18
CA ASP A 381 -39.50 -6.29 -10.43
C ASP A 381 -38.66 -5.07 -10.84
N HIS A 382 -37.38 -5.29 -11.10
CA HIS A 382 -36.51 -4.22 -11.57
C HIS A 382 -36.76 -3.90 -13.05
N PHE A 383 -37.07 -4.91 -13.86
CA PHE A 383 -37.43 -4.68 -15.26
C PHE A 383 -38.61 -3.69 -15.33
N LYS A 384 -39.58 -3.87 -14.43
CA LYS A 384 -40.79 -3.04 -14.42
C LYS A 384 -40.49 -1.58 -14.06
N GLN A 385 -39.53 -1.38 -13.18
CA GLN A 385 -39.10 -0.02 -12.87
C GLN A 385 -38.36 0.62 -14.04
N ALA A 386 -37.59 -0.17 -14.79
CA ALA A 386 -36.94 0.34 -15.99
C ALA A 386 -37.99 0.76 -17.03
N TYR A 387 -39.06 -0.02 -17.14
CA TYR A 387 -40.14 0.27 -18.06
C TYR A 387 -40.82 1.58 -17.67
N LYS A 388 -40.96 1.78 -16.36
CA LYS A 388 -41.58 2.98 -15.84
C LYS A 388 -40.73 4.22 -16.17
N ALA A 389 -39.42 4.05 -16.12
CA ALA A 389 -38.51 5.14 -16.47
C ALA A 389 -38.65 5.50 -17.95
N LEU A 390 -38.65 4.48 -18.82
CA LEU A 390 -38.95 4.67 -20.25
C LEU A 390 -40.27 5.40 -20.49
N LYS A 391 -41.32 4.93 -19.84
CA LYS A 391 -42.64 5.55 -19.93
C LYS A 391 -42.56 7.05 -19.64
N ASP A 392 -41.68 7.44 -18.72
CA ASP A 392 -41.61 8.82 -18.25
C ASP A 392 -40.50 9.65 -18.92
N GLY A 393 -39.93 9.15 -20.02
CA GLY A 393 -39.06 9.96 -20.85
C GLY A 393 -37.57 9.70 -20.76
N VAL A 394 -37.14 8.85 -19.83
CA VAL A 394 -35.72 8.49 -19.71
C VAL A 394 -35.27 7.70 -20.94
N PRO A 395 -34.20 8.16 -21.61
CA PRO A 395 -33.74 7.49 -22.83
C PRO A 395 -32.93 6.24 -22.50
N LEU A 396 -33.57 5.25 -21.88
CA LEU A 396 -32.90 4.01 -21.52
C LEU A 396 -32.80 3.12 -22.75
N ARG A 397 -31.60 2.69 -23.11
CA ARG A 397 -31.38 1.98 -24.38
C ARG A 397 -31.17 0.48 -24.23
N GLY A 398 -30.84 0.04 -23.02
CA GLY A 398 -30.54 -1.37 -22.80
C GLY A 398 -30.34 -1.70 -21.32
N TYR A 399 -30.21 -2.99 -21.03
CA TYR A 399 -30.20 -3.49 -19.67
C TYR A 399 -29.40 -4.79 -19.70
N TYR A 400 -28.30 -4.84 -18.94
CA TYR A 400 -27.47 -6.03 -18.88
C TYR A 400 -27.60 -6.63 -17.51
N VAL A 401 -27.92 -7.91 -17.44
CA VAL A 401 -28.01 -8.59 -16.16
C VAL A 401 -26.63 -8.99 -15.65
N TRP A 402 -26.33 -8.63 -14.41
CA TRP A 402 -25.19 -9.24 -13.72
C TRP A 402 -25.71 -10.50 -12.99
N SER A 403 -25.23 -11.69 -13.36
CA SER A 403 -24.14 -11.89 -14.32
C SER A 403 -24.60 -12.98 -15.28
N LEU A 404 -23.88 -13.13 -16.40
CA LEU A 404 -24.17 -14.25 -17.31
C LEU A 404 -24.05 -15.58 -16.59
N MET A 405 -23.04 -15.69 -15.72
CA MET A 405 -22.76 -16.96 -15.05
C MET A 405 -22.25 -16.69 -13.64
N ASP A 406 -22.39 -17.67 -12.75
CA ASP A 406 -21.74 -17.59 -11.45
C ASP A 406 -20.23 -17.43 -11.59
N ASN A 407 -19.60 -16.75 -10.65
CA ASN A 407 -18.20 -16.42 -10.82
C ASN A 407 -17.48 -16.12 -9.51
N PHE A 408 -16.22 -15.70 -9.59
CA PHE A 408 -15.43 -15.27 -8.44
C PHE A 408 -15.88 -13.88 -7.97
N GLU A 409 -16.67 -13.85 -6.89
CA GLU A 409 -17.21 -12.56 -6.43
C GLU A 409 -16.28 -11.83 -5.47
N TRP A 410 -15.07 -11.57 -5.97
CA TRP A 410 -14.05 -10.80 -5.27
C TRP A 410 -13.78 -11.35 -3.86
N ALA A 411 -13.93 -10.52 -2.83
CA ALA A 411 -13.61 -10.98 -1.48
C ALA A 411 -14.51 -12.08 -0.92
N TYR A 412 -15.70 -12.27 -1.49
CA TYR A 412 -16.58 -13.40 -1.09
C TYR A 412 -16.25 -14.72 -1.80
N GLY A 413 -15.32 -14.68 -2.77
CA GLY A 413 -14.97 -15.89 -3.50
C GLY A 413 -16.15 -16.51 -4.24
N TYR A 414 -16.24 -17.83 -4.25
CA TYR A 414 -17.30 -18.51 -4.99
C TYR A 414 -18.58 -18.68 -4.19
N SER A 415 -18.59 -18.19 -2.95
CA SER A 415 -19.74 -18.32 -2.04
C SER A 415 -20.99 -17.54 -2.45
N LYS A 416 -20.85 -16.61 -3.40
CA LYS A 416 -21.99 -15.79 -3.85
C LYS A 416 -22.26 -15.98 -5.35
N ARG A 417 -23.48 -16.39 -5.66
CA ARG A 417 -23.87 -16.77 -7.02
C ARG A 417 -24.87 -15.76 -7.61
N PHE A 418 -24.44 -15.04 -8.66
CA PHE A 418 -25.27 -14.01 -9.30
C PHE A 418 -25.73 -14.44 -10.72
N GLY A 419 -25.26 -15.59 -11.19
CA GLY A 419 -25.48 -15.98 -12.57
C GLY A 419 -26.90 -16.31 -13.02
N LEU A 420 -27.15 -16.13 -14.32
CA LEU A 420 -28.27 -16.74 -15.01
C LEU A 420 -27.91 -18.20 -15.28
N ILE A 421 -26.62 -18.49 -15.25
CA ILE A 421 -26.07 -19.82 -15.49
C ILE A 421 -25.33 -20.30 -14.23
N TYR A 422 -25.66 -21.51 -13.77
CA TYR A 422 -24.99 -22.11 -12.62
C TYR A 422 -23.69 -22.74 -13.06
N VAL A 423 -22.60 -22.48 -12.34
CA VAL A 423 -21.33 -23.10 -12.67
C VAL A 423 -20.94 -24.09 -11.58
N ASP A 424 -20.77 -25.34 -11.98
CA ASP A 424 -20.52 -26.44 -11.06
C ASP A 424 -19.01 -26.64 -11.03
N TYR A 425 -18.32 -25.78 -10.26
CA TYR A 425 -16.86 -25.80 -10.22
C TYR A 425 -16.27 -27.17 -9.89
N GLU A 426 -16.85 -27.89 -8.94
CA GLU A 426 -16.28 -29.17 -8.51
C GLU A 426 -16.34 -30.29 -9.56
N ASN A 427 -17.28 -30.16 -10.50
CA ASN A 427 -17.53 -31.23 -11.46
C ASN A 427 -17.26 -30.83 -12.91
N GLY A 428 -15.99 -30.58 -13.21
CA GLY A 428 -15.57 -30.25 -14.56
C GLY A 428 -16.00 -28.88 -15.03
N ASN A 429 -16.39 -28.01 -14.09
CA ASN A 429 -16.80 -26.65 -14.44
C ASN A 429 -18.01 -26.59 -15.38
N ARG A 430 -18.87 -27.61 -15.33
CA ARG A 430 -20.01 -27.65 -16.24
C ARG A 430 -21.02 -26.55 -15.93
N ARG A 431 -21.71 -26.10 -16.95
CA ARG A 431 -22.65 -24.99 -16.85
C ARG A 431 -24.06 -25.55 -16.91
N PHE A 432 -24.98 -25.01 -16.12
CA PHE A 432 -26.38 -25.39 -16.21
C PHE A 432 -27.23 -24.12 -16.29
N LEU A 433 -28.21 -24.08 -17.20
CA LEU A 433 -29.07 -22.90 -17.29
C LEU A 433 -29.96 -22.88 -16.07
N LYS A 434 -29.96 -21.79 -15.30
CA LYS A 434 -30.95 -21.68 -14.22
C LYS A 434 -32.32 -21.35 -14.81
N ASP A 435 -33.38 -21.54 -14.04
CA ASP A 435 -34.72 -21.16 -14.51
C ASP A 435 -34.78 -19.70 -14.94
N SER A 436 -34.04 -18.82 -14.28
CA SER A 436 -34.07 -17.41 -14.66
C SER A 436 -33.53 -17.18 -16.09
N ALA A 437 -32.61 -18.06 -16.51
CA ALA A 437 -32.05 -17.96 -17.87
C ALA A 437 -33.12 -18.16 -18.95
N LEU A 438 -33.94 -19.19 -18.79
CA LEU A 438 -35.01 -19.46 -19.75
C LEU A 438 -36.19 -18.50 -19.58
N TRP A 439 -36.40 -18.02 -18.35
CA TRP A 439 -37.37 -16.97 -18.12
C TRP A 439 -36.93 -15.68 -18.84
N TYR A 440 -35.64 -15.36 -18.76
CA TYR A 440 -35.08 -14.18 -19.42
C TYR A 440 -35.25 -14.29 -20.93
N ARG A 441 -34.99 -15.48 -21.48
CA ARG A 441 -35.16 -15.69 -22.91
C ARG A 441 -36.57 -15.32 -23.36
N GLU A 442 -37.55 -15.70 -22.55
CA GLU A 442 -38.94 -15.42 -22.90
C GLU A 442 -39.18 -13.91 -22.87
N VAL A 443 -38.61 -13.23 -21.87
CA VAL A 443 -38.72 -11.77 -21.78
C VAL A 443 -38.18 -11.08 -23.04
N ILE A 444 -36.97 -11.48 -23.44
CA ILE A 444 -36.28 -10.89 -24.60
C ILE A 444 -37.08 -11.07 -25.89
N GLU A 445 -37.54 -12.29 -26.13
CA GLU A 445 -38.30 -12.62 -27.34
C GLU A 445 -39.61 -11.85 -27.45
N LYS A 446 -40.36 -11.78 -26.35
CA LYS A 446 -41.68 -11.18 -26.39
C LYS A 446 -41.58 -9.67 -26.17
N GLY A 447 -40.41 -9.22 -25.72
CA GLY A 447 -40.21 -7.83 -25.36
C GLY A 447 -41.15 -7.40 -24.25
N GLN A 448 -41.62 -8.36 -23.45
CA GLN A 448 -42.62 -8.08 -22.41
C GLN A 448 -42.30 -8.78 -21.09
N VAL A 449 -42.76 -8.23 -19.99
CA VAL A 449 -42.59 -8.87 -18.69
C VAL A 449 -43.94 -9.27 -18.15
N ILE B 5 38.54 -1.37 33.12
CA ILE B 5 37.81 -1.17 31.87
C ILE B 5 38.17 0.21 31.29
N ILE B 6 39.32 0.28 30.61
CA ILE B 6 39.77 1.51 29.97
C ILE B 6 39.69 1.40 28.45
N PHE B 7 38.90 2.26 27.83
CA PHE B 7 38.83 2.29 26.38
C PHE B 7 40.00 3.13 25.83
N PRO B 8 40.35 2.95 24.54
CA PRO B 8 41.41 3.79 23.99
C PRO B 8 41.01 5.26 24.07
N GLU B 9 41.99 6.16 24.19
CA GLU B 9 41.68 7.58 24.35
C GLU B 9 40.99 8.15 23.11
N ASP B 10 41.13 7.47 21.97
CA ASP B 10 40.47 7.89 20.74
C ASP B 10 39.18 7.12 20.39
N PHE B 11 38.63 6.38 21.35
CA PHE B 11 37.38 5.67 21.14
C PHE B 11 36.25 6.68 20.97
N ILE B 12 35.39 6.45 19.98
CA ILE B 12 34.36 7.43 19.64
C ILE B 12 33.08 7.20 20.46
N TRP B 13 32.93 7.97 21.53
CA TRP B 13 31.71 7.92 22.34
C TRP B 13 30.66 8.89 21.80
N GLY B 14 29.45 8.38 21.53
CA GLY B 14 28.44 9.20 20.90
C GLY B 14 27.02 9.05 21.42
N ALA B 15 26.11 9.82 20.83
CA ALA B 15 24.68 9.58 21.02
C ALA B 15 24.05 9.78 19.66
N ALA B 16 22.91 9.11 19.44
CA ALA B 16 22.22 9.11 18.15
C ALA B 16 20.76 9.57 18.26
N THR B 17 20.23 10.10 17.14
CA THR B 17 18.82 10.45 16.99
C THR B 17 18.43 10.19 15.54
N SER B 18 17.14 10.39 15.19
CA SER B 18 16.73 10.43 13.78
C SER B 18 15.82 11.65 13.52
N SER B 19 15.74 12.08 12.26
CA SER B 19 15.02 13.29 11.88
C SER B 19 13.54 13.29 12.28
N TYR B 20 12.76 12.31 11.85
CA TYR B 20 11.33 12.35 12.14
C TYR B 20 11.05 12.28 13.62
N GLN B 21 11.94 11.63 14.36
CA GLN B 21 11.72 11.38 15.79
C GLN B 21 11.94 12.61 16.67
N ILE B 22 12.77 13.54 16.21
CA ILE B 22 13.07 14.69 17.07
C ILE B 22 12.74 16.07 16.49
N GLU B 23 12.70 16.19 15.16
CA GLU B 23 12.75 17.53 14.54
C GLU B 23 11.51 18.40 14.69
N GLY B 24 10.33 17.84 14.46
CA GLY B 24 9.13 18.66 14.36
C GLY B 24 9.17 19.43 13.03
N ALA B 25 8.58 20.62 12.99
CA ALA B 25 8.55 21.45 11.78
C ALA B 25 8.17 20.63 10.54
N PHE B 26 7.12 19.81 10.70
CA PHE B 26 6.78 18.80 9.70
C PHE B 26 6.36 19.37 8.35
N ASN B 27 5.88 20.61 8.32
CA ASN B 27 5.48 21.23 7.06
C ASN B 27 5.94 22.66 6.93
N GLU B 28 7.15 22.93 7.42
CA GLU B 28 7.66 24.29 7.53
C GLU B 28 8.77 24.51 6.54
N ASP B 29 8.88 25.76 6.05
CA ASP B 29 9.97 26.17 5.17
C ASP B 29 10.12 25.29 3.95
N GLY B 30 9.01 24.90 3.33
CA GLY B 30 9.06 24.16 2.08
C GLY B 30 9.32 22.66 2.16
N LYS B 31 9.36 22.11 3.37
CA LYS B 31 9.52 20.64 3.50
C LYS B 31 8.34 19.92 2.86
N GLY B 32 8.64 18.82 2.16
CA GLY B 32 7.62 17.96 1.59
C GLY B 32 7.11 16.93 2.58
N GLU B 33 5.91 16.41 2.32
CA GLU B 33 5.30 15.40 3.20
C GLU B 33 6.12 14.11 3.13
N SER B 34 6.35 13.47 4.28
CA SER B 34 6.90 12.10 4.24
C SER B 34 5.85 11.03 4.47
N ILE B 35 6.25 9.78 4.26
CA ILE B 35 5.36 8.68 4.56
C ILE B 35 5.02 8.62 6.05
N TRP B 36 5.87 9.19 6.92
CA TRP B 36 5.60 9.17 8.36
C TRP B 36 4.65 10.29 8.78
N ASP B 37 4.66 11.40 8.05
CA ASP B 37 3.62 12.42 8.23
C ASP B 37 2.28 11.80 7.82
N ARG B 38 2.27 11.05 6.74
CA ARG B 38 1.02 10.44 6.26
C ARG B 38 0.52 9.38 7.24
N PHE B 39 1.46 8.53 7.69
CA PHE B 39 1.13 7.43 8.61
C PHE B 39 0.64 7.92 9.96
N SER B 40 1.35 8.88 10.57
CA SER B 40 0.91 9.41 11.86
CA SER B 40 0.94 9.47 11.84
C SER B 40 -0.45 10.11 11.78
N HIS B 41 -0.80 10.63 10.61
CA HIS B 41 -2.10 11.28 10.45
C HIS B 41 -3.20 10.32 9.96
N THR B 42 -2.94 9.02 10.05
CA THR B 42 -3.92 7.98 9.71
C THR B 42 -4.42 7.41 11.00
N PRO B 43 -5.75 7.36 11.18
CA PRO B 43 -6.32 6.86 12.44
C PRO B 43 -5.90 5.41 12.74
N GLY B 44 -5.65 5.12 14.01
CA GLY B 44 -5.38 3.76 14.46
C GLY B 44 -3.92 3.30 14.42
N LYS B 45 -3.03 4.14 13.90
CA LYS B 45 -1.64 3.69 13.69
C LYS B 45 -0.68 3.94 14.85
N ILE B 46 -0.87 5.06 15.57
CA ILE B 46 0.07 5.43 16.62
C ILE B 46 -0.61 5.45 17.96
N GLU B 47 0.08 4.98 19.00
CA GLU B 47 -0.47 5.00 20.34
C GLU B 47 -0.88 6.42 20.74
N ASN B 48 -2.06 6.55 21.32
CA ASN B 48 -2.59 7.83 21.81
C ASN B 48 -2.80 8.88 20.72
N GLY B 49 -2.78 8.46 19.46
CA GLY B 49 -2.90 9.40 18.35
C GLY B 49 -1.78 10.43 18.26
N ASP B 50 -0.63 10.12 18.86
CA ASP B 50 0.57 10.94 18.79
C ASP B 50 1.09 11.12 17.36
N THR B 51 1.70 12.27 17.10
CA THR B 51 2.34 12.49 15.80
C THR B 51 3.71 13.11 16.03
N GLY B 52 4.52 13.13 14.98
CA GLY B 52 5.80 13.83 15.01
C GLY B 52 5.72 15.24 14.47
N ASP B 53 4.53 15.85 14.48
CA ASP B 53 4.34 17.20 13.97
C ASP B 53 5.31 18.17 14.61
N ILE B 54 5.45 18.05 15.92
CA ILE B 54 6.31 18.93 16.70
C ILE B 54 7.47 18.16 17.34
N ALA B 55 7.19 16.97 17.87
CA ALA B 55 8.20 16.13 18.52
C ALA B 55 9.01 16.90 19.58
N CYS B 56 10.34 16.80 19.51
CA CYS B 56 11.18 17.56 20.43
C CYS B 56 11.45 18.98 19.92
N ASP B 57 10.84 19.31 18.79
CA ASP B 57 11.07 20.62 18.15
C ASP B 57 12.56 20.93 17.95
N HIS B 58 13.36 19.89 17.69
CA HIS B 58 14.81 20.05 17.46
C HIS B 58 15.09 21.01 16.32
N TYR B 59 14.20 21.08 15.33
CA TYR B 59 14.40 21.99 14.19
C TYR B 59 14.58 23.44 14.64
N HIS B 60 13.85 23.83 15.68
CA HIS B 60 14.00 25.20 16.18
C HIS B 60 14.96 25.29 17.36
N LEU B 61 15.14 24.17 18.08
CA LEU B 61 15.90 24.16 19.33
C LEU B 61 17.29 23.54 19.21
N TYR B 62 17.73 23.23 17.99
CA TYR B 62 19.05 22.58 17.79
C TYR B 62 20.22 23.27 18.51
N ARG B 63 20.21 24.59 18.63
CA ARG B 63 21.33 25.30 19.26
C ARG B 63 21.41 25.00 20.76
N GLU B 64 20.25 24.93 21.41
CA GLU B 64 20.15 24.44 22.79
C GLU B 64 20.60 22.98 22.93
N ASP B 65 20.25 22.15 21.95
CA ASP B 65 20.59 20.72 22.01
C ASP B 65 22.10 20.50 21.85
N ILE B 66 22.75 21.33 21.05
CA ILE B 66 24.21 21.25 20.96
C ILE B 66 24.88 21.64 22.28
N GLU B 67 24.35 22.64 22.99
CA GLU B 67 24.90 22.98 24.30
C GLU B 67 24.73 21.84 25.29
N LEU B 68 23.64 21.08 25.17
CA LEU B 68 23.44 19.89 25.98
C LEU B 68 24.42 18.78 25.58
N MET B 69 24.71 18.63 24.29
CA MET B 69 25.73 17.64 23.85
C MET B 69 27.11 17.96 24.43
N LYS B 70 27.44 19.25 24.50
CA LYS B 70 28.72 19.68 25.05
C LYS B 70 28.77 19.39 26.53
N GLU B 71 27.63 19.55 27.19
CA GLU B 71 27.55 19.35 28.63
C GLU B 71 27.84 17.88 28.94
N ILE B 72 27.31 16.98 28.12
CA ILE B 72 27.58 15.54 28.26
C ILE B 72 28.99 15.18 27.79
N GLY B 73 29.51 15.92 26.81
CA GLY B 73 30.88 15.73 26.35
C GLY B 73 31.02 14.61 25.34
N ILE B 74 29.95 14.32 24.60
CA ILE B 74 30.04 13.30 23.56
C ILE B 74 30.99 13.75 22.47
N ARG B 75 31.67 12.80 21.86
CA ARG B 75 32.71 13.12 20.89
C ARG B 75 32.17 13.09 19.46
N SER B 76 31.05 12.39 19.26
CA SER B 76 30.39 12.32 17.96
C SER B 76 28.88 12.29 18.15
N TYR B 77 28.14 12.82 17.18
CA TYR B 77 26.68 12.86 17.19
C TYR B 77 26.17 12.28 15.89
N ARG B 78 25.42 11.18 16.01
CA ARG B 78 24.83 10.50 14.86
C ARG B 78 23.39 10.99 14.71
N PHE B 79 23.11 11.60 13.56
CA PHE B 79 21.76 12.06 13.26
C PHE B 79 21.40 11.64 11.85
N SER B 80 20.13 11.76 11.50
CA SER B 80 19.75 11.52 10.11
C SER B 80 19.24 12.80 9.48
N THR B 81 19.34 12.85 8.17
CA THR B 81 18.84 13.98 7.41
C THR B 81 17.54 13.60 6.72
N SER B 82 16.58 14.53 6.74
CA SER B 82 15.27 14.32 6.14
C SER B 82 15.29 14.53 4.63
N TRP B 83 15.23 13.45 3.87
CA TRP B 83 15.15 13.50 2.40
C TRP B 83 14.07 14.49 1.88
N PRO B 84 12.81 14.41 2.40
CA PRO B 84 11.81 15.37 1.89
C PRO B 84 11.94 16.81 2.38
N ARG B 85 12.68 17.04 3.45
CA ARG B 85 13.00 18.42 3.84
C ARG B 85 13.97 19.03 2.80
N ILE B 86 14.83 18.20 2.23
CA ILE B 86 15.85 18.65 1.27
C ILE B 86 15.36 18.62 -0.19
N LEU B 87 14.61 17.57 -0.53
CA LEU B 87 14.05 17.40 -1.87
C LEU B 87 12.58 17.05 -1.68
N PRO B 88 11.71 18.09 -1.64
CA PRO B 88 10.29 17.88 -1.31
C PRO B 88 9.61 16.84 -2.18
N GLU B 89 9.97 16.74 -3.46
CA GLU B 89 9.36 15.73 -4.33
C GLU B 89 10.19 14.44 -4.41
N GLY B 90 11.25 14.33 -3.61
CA GLY B 90 12.10 13.16 -3.66
C GLY B 90 13.22 13.28 -4.68
N LYS B 91 13.04 14.17 -5.64
CA LYS B 91 14.01 14.40 -6.70
CA LYS B 91 14.01 14.40 -6.70
C LYS B 91 13.79 15.77 -7.31
N GLY B 92 14.69 16.20 -8.19
CA GLY B 92 14.58 17.48 -8.84
C GLY B 92 14.96 18.67 -7.98
N ARG B 93 14.01 19.56 -7.72
CA ARG B 93 14.31 20.83 -7.06
C ARG B 93 14.69 20.70 -5.59
N VAL B 94 15.83 21.31 -5.23
CA VAL B 94 16.34 21.30 -3.86
C VAL B 94 15.68 22.40 -3.03
N ASN B 95 15.21 22.06 -1.84
CA ASN B 95 14.70 23.06 -0.90
C ASN B 95 15.88 23.68 -0.15
N GLN B 96 16.25 24.89 -0.51
CA GLN B 96 17.47 25.49 0.04
C GLN B 96 17.40 25.71 1.56
N LYS B 97 16.23 26.08 2.06
CA LYS B 97 16.06 26.32 3.50
C LYS B 97 16.15 25.03 4.31
N GLY B 98 15.68 23.93 3.74
CA GLY B 98 15.77 22.65 4.40
C GLY B 98 17.22 22.23 4.51
N LEU B 99 17.97 22.46 3.43
CA LEU B 99 19.40 22.16 3.41
C LEU B 99 20.20 23.10 4.31
N ASP B 100 19.82 24.38 4.34
CA ASP B 100 20.45 25.35 5.24
C ASP B 100 20.36 24.92 6.71
N PHE B 101 19.26 24.27 7.09
CA PHE B 101 19.14 23.80 8.47
C PHE B 101 20.26 22.83 8.80
N TYR B 102 20.50 21.86 7.94
CA TYR B 102 21.55 20.88 8.19
C TYR B 102 22.94 21.51 8.11
N LYS B 103 23.10 22.53 7.28
CA LYS B 103 24.35 23.29 7.23
C LYS B 103 24.63 24.03 8.54
N ARG B 104 23.59 24.62 9.13
CA ARG B 104 23.76 25.33 10.40
C ARG B 104 24.07 24.32 11.47
N LEU B 105 23.36 23.19 11.47
CA LEU B 105 23.54 22.18 12.49
C LEU B 105 24.99 21.68 12.45
N VAL B 106 25.45 21.29 11.27
CA VAL B 106 26.82 20.82 11.08
C VAL B 106 27.85 21.86 11.49
N ASP B 107 27.70 23.10 11.03
CA ASP B 107 28.61 24.17 11.44
C ASP B 107 28.73 24.28 12.97
N ASN B 108 27.59 24.26 13.65
CA ASN B 108 27.54 24.34 15.10
C ASN B 108 28.24 23.16 15.76
N LEU B 109 28.01 21.95 15.23
CA LEU B 109 28.63 20.75 15.79
C LEU B 109 30.15 20.85 15.68
N LEU B 110 30.61 21.26 14.51
CA LEU B 110 32.04 21.37 14.25
C LEU B 110 32.69 22.41 15.15
N LYS B 111 32.02 23.54 15.35
CA LYS B 111 32.55 24.55 16.26
C LYS B 111 32.68 23.98 17.67
N ALA B 112 31.77 23.07 18.03
CA ALA B 112 31.78 22.46 19.36
C ALA B 112 32.72 21.26 19.45
N ASN B 113 33.46 21.00 18.36
CA ASN B 113 34.33 19.83 18.27
C ASN B 113 33.62 18.49 18.49
N ILE B 114 32.42 18.37 17.94
CA ILE B 114 31.67 17.12 17.95
C ILE B 114 31.63 16.62 16.50
N ARG B 115 32.11 15.40 16.28
CA ARG B 115 32.21 14.88 14.93
C ARG B 115 30.83 14.39 14.47
N PRO B 116 30.32 14.95 13.38
CA PRO B 116 29.01 14.46 12.90
C PRO B 116 29.10 13.11 12.17
N MET B 117 28.08 12.29 12.36
CA MET B 117 27.88 11.10 11.54
C MET B 117 26.47 11.22 10.97
N ILE B 118 26.34 11.21 9.65
CA ILE B 118 25.05 11.39 9.03
C ILE B 118 24.47 10.08 8.49
N THR B 119 23.24 9.76 8.90
CA THR B 119 22.47 8.64 8.34
C THR B 119 21.60 9.25 7.25
N LEU B 120 21.77 8.83 6.00
CA LEU B 120 21.00 9.43 4.91
C LEU B 120 19.53 8.96 4.89
N TYR B 121 19.30 7.70 5.24
CA TYR B 121 17.92 7.20 5.27
C TYR B 121 17.57 6.54 6.61
N HIS B 122 16.78 7.24 7.40
CA HIS B 122 16.25 6.69 8.64
C HIS B 122 14.72 6.79 8.60
N TRP B 123 14.16 6.27 7.50
CA TRP B 123 12.75 5.84 7.40
C TRP B 123 11.75 6.85 6.86
N ASP B 124 12.17 8.11 6.67
CA ASP B 124 11.23 9.14 6.24
C ASP B 124 11.21 9.39 4.73
N LEU B 125 10.80 8.38 3.97
CA LEU B 125 10.69 8.50 2.52
C LEU B 125 9.71 9.64 2.17
N PRO B 126 10.05 10.46 1.16
CA PRO B 126 9.08 11.46 0.67
C PRO B 126 7.78 10.79 0.22
N GLN B 127 6.64 11.31 0.61
CA GLN B 127 5.36 10.73 0.19
C GLN B 127 5.22 10.76 -1.34
N ALA B 128 5.81 11.77 -1.97
CA ALA B 128 5.76 11.89 -3.43
C ALA B 128 6.34 10.66 -4.11
N LEU B 129 7.36 10.06 -3.51
CA LEU B 129 7.96 8.85 -4.08
C LEU B 129 7.14 7.60 -3.71
N GLN B 130 6.49 7.62 -2.56
CA GLN B 130 5.57 6.54 -2.18
C GLN B 130 4.41 6.49 -3.16
N ASP B 131 3.96 7.65 -3.65
CA ASP B 131 2.87 7.67 -4.64
C ASP B 131 3.28 7.03 -5.97
N LYS B 132 4.59 6.95 -6.20
CA LYS B 132 5.13 6.27 -7.37
C LYS B 132 5.64 4.88 -6.99
N GLY B 133 5.09 4.32 -5.91
CA GLY B 133 5.45 2.98 -5.50
C GLY B 133 6.47 2.84 -4.37
N GLY B 134 7.14 3.93 -4.01
CA GLY B 134 8.14 3.87 -2.96
C GLY B 134 9.21 2.80 -3.21
N TRP B 135 9.51 1.98 -2.21
CA TRP B 135 10.61 1.04 -2.36
C TRP B 135 10.33 -0.20 -3.24
N THR B 136 9.10 -0.39 -3.73
CA THR B 136 8.90 -1.45 -4.74
C THR B 136 9.26 -0.95 -6.14
N ASN B 137 9.45 0.36 -6.26
CA ASN B 137 9.87 0.93 -7.53
C ASN B 137 11.37 1.04 -7.57
N ARG B 138 11.99 0.42 -8.56
CA ARG B 138 13.45 0.40 -8.65
C ARG B 138 13.99 1.83 -8.85
N ASP B 139 13.19 2.70 -9.46
CA ASP B 139 13.58 4.10 -9.60
C ASP B 139 13.88 4.78 -8.27
N THR B 140 13.23 4.33 -7.19
CA THR B 140 13.44 4.93 -5.88
C THR B 140 14.88 4.77 -5.43
N ALA B 141 15.51 3.67 -5.86
CA ALA B 141 16.91 3.41 -5.53
C ALA B 141 17.84 4.39 -6.25
N LYS B 142 17.50 4.72 -7.48
CA LYS B 142 18.23 5.72 -8.25
C LYS B 142 18.06 7.11 -7.63
N TYR B 143 16.85 7.40 -7.16
CA TYR B 143 16.59 8.69 -6.51
C TYR B 143 17.29 8.78 -5.16
N PHE B 144 17.40 7.67 -4.44
CA PHE B 144 18.19 7.67 -3.24
C PHE B 144 19.64 8.02 -3.56
N ALA B 145 20.19 7.40 -4.60
CA ALA B 145 21.59 7.63 -4.98
C ALA B 145 21.85 9.09 -5.35
N GLU B 146 20.88 9.73 -6.00
CA GLU B 146 21.00 11.14 -6.39
CA GLU B 146 21.06 11.12 -6.37
C GLU B 146 20.95 12.05 -5.15
N TYR B 147 20.12 11.67 -4.19
CA TYR B 147 20.00 12.42 -2.94
C TYR B 147 21.33 12.29 -2.15
N ALA B 148 21.92 11.10 -2.17
CA ALA B 148 23.24 10.90 -1.55
C ALA B 148 24.31 11.77 -2.20
N ARG B 149 24.32 11.82 -3.52
CA ARG B 149 25.27 12.64 -4.26
C ARG B 149 25.20 14.10 -3.85
N LEU B 150 23.99 14.62 -3.77
CA LEU B 150 23.77 15.99 -3.34
C LEU B 150 24.40 16.24 -1.97
N MET B 151 24.15 15.33 -1.03
CA MET B 151 24.66 15.48 0.33
C MET B 151 26.18 15.35 0.41
N PHE B 152 26.75 14.40 -0.33
CA PHE B 152 28.20 14.24 -0.39
C PHE B 152 28.88 15.49 -0.93
N GLU B 153 28.29 16.10 -1.97
CA GLU B 153 28.81 17.34 -2.52
C GLU B 153 28.70 18.53 -1.55
N GLU B 154 27.55 18.64 -0.89
CA GLU B 154 27.32 19.76 0.03
C GLU B 154 28.18 19.69 1.29
N PHE B 155 28.44 18.48 1.77
CA PHE B 155 29.18 18.34 3.02
C PHE B 155 30.57 17.72 2.85
N ASN B 156 31.10 17.81 1.63
CA ASN B 156 32.50 17.47 1.34
C ASN B 156 33.45 18.27 2.24
N GLY B 157 34.22 17.59 3.07
CA GLY B 157 35.15 18.25 3.98
C GLY B 157 34.51 18.81 5.24
N LEU B 158 33.23 18.51 5.46
CA LEU B 158 32.55 18.91 6.68
C LEU B 158 32.07 17.68 7.48
N VAL B 159 31.65 16.64 6.77
CA VAL B 159 31.18 15.41 7.40
C VAL B 159 31.98 14.22 6.86
N ASP B 160 32.63 13.46 7.75
CA ASP B 160 33.49 12.36 7.31
C ASP B 160 33.06 10.97 7.79
N LEU B 161 31.85 10.85 8.31
CA LEU B 161 31.29 9.55 8.69
C LEU B 161 29.86 9.45 8.14
N TRP B 162 29.66 8.52 7.22
CA TRP B 162 28.38 8.40 6.50
C TRP B 162 27.76 7.02 6.64
N VAL B 163 26.45 7.00 6.86
CA VAL B 163 25.70 5.76 6.87
C VAL B 163 24.64 5.90 5.80
N THR B 164 24.52 4.91 4.92
CA THR B 164 23.51 5.01 3.86
C THR B 164 22.12 4.80 4.44
N HIS B 165 21.94 3.64 5.08
CA HIS B 165 20.65 3.16 5.53
C HIS B 165 20.67 2.73 7.00
N ASN B 166 19.56 2.96 7.70
CA ASN B 166 19.36 2.47 9.06
C ASN B 166 18.35 1.34 9.08
N GLU B 167 18.77 0.18 9.58
CA GLU B 167 17.88 -0.96 9.78
C GLU B 167 16.95 -1.27 8.59
N PRO B 168 17.52 -1.67 7.44
CA PRO B 168 16.63 -2.03 6.32
C PRO B 168 15.69 -3.22 6.61
N TRP B 169 16.08 -4.13 7.49
CA TRP B 169 15.12 -5.16 7.92
C TRP B 169 13.80 -4.54 8.42
N VAL B 170 13.91 -3.55 9.29
CA VAL B 170 12.72 -2.93 9.89
C VAL B 170 11.89 -2.20 8.83
N VAL B 171 12.57 -1.41 8.00
CA VAL B 171 11.88 -0.71 6.92
C VAL B 171 11.09 -1.69 6.05
N ALA B 172 11.74 -2.78 5.65
CA ALA B 172 11.11 -3.75 4.76
C ALA B 172 9.96 -4.46 5.46
N PHE B 173 10.25 -5.13 6.57
CA PHE B 173 9.23 -5.99 7.17
C PHE B 173 8.21 -5.25 8.04
N GLU B 174 8.66 -4.36 8.91
CA GLU B 174 7.69 -3.60 9.72
C GLU B 174 6.84 -2.64 8.88
N GLY B 175 7.44 -2.07 7.84
CA GLY B 175 6.73 -1.14 6.98
C GLY B 175 5.89 -1.75 5.86
N HIS B 176 6.24 -2.95 5.39
CA HIS B 176 5.55 -3.54 4.23
C HIS B 176 5.01 -4.98 4.43
N ALA B 177 5.43 -5.67 5.48
CA ALA B 177 4.90 -7.02 5.73
C ALA B 177 3.86 -7.04 6.84
N PHE B 178 4.12 -6.34 7.93
CA PHE B 178 3.27 -6.42 9.12
C PHE B 178 2.49 -5.12 9.36
N GLY B 179 2.87 -4.07 8.64
CA GLY B 179 2.11 -2.83 8.60
C GLY B 179 2.16 -2.01 9.88
N ASN B 180 3.13 -2.32 10.74
CA ASN B 180 3.29 -1.56 11.97
C ASN B 180 3.93 -0.18 11.75
N HIS B 181 4.71 -0.06 10.68
CA HIS B 181 5.37 1.19 10.34
C HIS B 181 4.92 1.72 8.97
N ALA B 182 5.15 3.00 8.72
CA ALA B 182 4.92 3.57 7.39
C ALA B 182 5.69 2.76 6.33
N PRO B 183 5.11 2.56 5.15
CA PRO B 183 3.81 3.09 4.70
C PRO B 183 2.59 2.26 5.14
N GLY B 184 2.80 1.21 5.93
CA GLY B 184 1.66 0.48 6.50
C GLY B 184 1.14 -0.68 5.66
N THR B 185 1.97 -1.14 4.72
CA THR B 185 1.58 -2.24 3.84
C THR B 185 1.71 -3.57 4.60
N LYS B 186 0.92 -4.57 4.21
CA LYS B 186 0.98 -5.90 4.82
C LYS B 186 1.02 -7.00 3.76
N ASP B 187 2.15 -7.11 3.08
CA ASP B 187 2.31 -8.09 2.01
C ASP B 187 3.76 -8.57 2.11
N PHE B 188 3.96 -9.82 2.50
CA PHE B 188 5.31 -10.32 2.73
C PHE B 188 6.16 -10.29 1.46
N LYS B 189 5.56 -10.59 0.31
CA LYS B 189 6.30 -10.53 -0.95
C LYS B 189 6.81 -9.11 -1.24
N THR B 190 6.00 -8.10 -0.95
CA THR B 190 6.40 -6.70 -1.10
C THR B 190 7.64 -6.38 -0.26
N ALA B 191 7.66 -6.89 0.97
CA ALA B 191 8.77 -6.67 1.87
C ALA B 191 10.09 -7.20 1.33
N LEU B 192 10.06 -8.39 0.71
CA LEU B 192 11.27 -8.95 0.12
C LEU B 192 11.75 -8.09 -1.06
N GLN B 193 10.81 -7.57 -1.85
CA GLN B 193 11.18 -6.72 -2.96
C GLN B 193 11.78 -5.42 -2.43
N VAL B 194 11.17 -4.88 -1.38
CA VAL B 194 11.66 -3.67 -0.74
C VAL B 194 13.07 -3.88 -0.17
N ALA B 195 13.27 -5.00 0.53
CA ALA B 195 14.59 -5.32 1.08
C ALA B 195 15.70 -5.32 0.01
N HIS B 196 15.40 -5.88 -1.16
CA HIS B 196 16.37 -5.91 -2.25
C HIS B 196 16.68 -4.51 -2.77
N HIS B 197 15.67 -3.64 -2.83
CA HIS B 197 15.88 -2.29 -3.32
C HIS B 197 16.58 -1.41 -2.29
N LEU B 198 16.37 -1.66 -1.00
CA LEU B 198 17.12 -0.91 0.01
C LEU B 198 18.58 -1.25 -0.14
N LEU B 199 18.87 -2.55 -0.24
CA LEU B 199 20.24 -3.02 -0.39
C LEU B 199 20.87 -2.47 -1.68
N LEU B 200 20.11 -2.47 -2.77
CA LEU B 200 20.62 -1.95 -4.04
C LEU B 200 20.98 -0.46 -3.95
N SER B 201 20.08 0.33 -3.37
CA SER B 201 20.26 1.78 -3.21
C SER B 201 21.52 2.09 -2.39
N HIS B 202 21.76 1.28 -1.36
CA HIS B 202 22.98 1.41 -0.55
C HIS B 202 24.25 1.32 -1.42
N GLY B 203 24.34 0.28 -2.22
CA GLY B 203 25.54 0.06 -3.03
C GLY B 203 25.72 1.11 -4.10
N MET B 204 24.60 1.60 -4.64
CA MET B 204 24.62 2.68 -5.62
C MET B 204 25.14 3.98 -5.00
N ALA B 205 24.79 4.20 -3.73
CA ALA B 205 25.24 5.40 -3.04
C ALA B 205 26.73 5.28 -2.72
N VAL B 206 27.18 4.06 -2.42
CA VAL B 206 28.59 3.81 -2.15
C VAL B 206 29.42 4.13 -3.39
N ASP B 207 28.96 3.69 -4.57
CA ASP B 207 29.64 4.03 -5.82
C ASP B 207 29.83 5.52 -6.03
N ILE B 208 28.77 6.27 -5.76
CA ILE B 208 28.79 7.72 -5.91
C ILE B 208 29.75 8.35 -4.89
N PHE B 209 29.71 7.85 -3.66
CA PHE B 209 30.63 8.30 -2.61
C PHE B 209 32.10 8.16 -3.04
N ARG B 210 32.44 7.05 -3.69
CA ARG B 210 33.82 6.82 -4.13
C ARG B 210 34.18 7.82 -5.22
N GLU B 211 33.24 7.99 -6.16
CA GLU B 211 33.43 8.84 -7.33
C GLU B 211 33.58 10.32 -6.96
N GLU B 212 32.77 10.78 -6.02
CA GLU B 212 32.87 12.15 -5.54
C GLU B 212 34.21 12.42 -4.87
N ASP B 213 34.81 11.36 -4.33
CA ASP B 213 36.12 11.45 -3.67
C ASP B 213 36.21 12.49 -2.55
N LEU B 214 35.20 12.53 -1.69
CA LEU B 214 35.29 13.38 -0.51
C LEU B 214 36.08 12.61 0.54
N PRO B 215 36.65 13.32 1.53
CA PRO B 215 37.31 12.59 2.62
C PRO B 215 36.26 11.94 3.52
N GLY B 216 36.61 10.82 4.11
CA GLY B 216 35.75 10.20 5.09
C GLY B 216 35.46 8.75 4.81
N GLU B 217 34.48 8.20 5.52
CA GLU B 217 34.18 6.78 5.43
C GLU B 217 32.69 6.58 5.35
N ILE B 218 32.28 5.57 4.58
CA ILE B 218 30.86 5.29 4.41
C ILE B 218 30.56 3.86 4.84
N GLY B 219 29.37 3.64 5.39
CA GLY B 219 28.98 2.31 5.84
C GLY B 219 27.46 2.14 5.79
N ILE B 220 26.99 1.06 6.38
CA ILE B 220 25.55 0.84 6.53
C ILE B 220 25.27 0.39 7.96
N THR B 221 24.06 0.67 8.46
CA THR B 221 23.66 0.31 9.82
C THR B 221 22.56 -0.76 9.81
N LEU B 222 22.86 -1.91 10.42
CA LEU B 222 21.89 -3.01 10.52
C LEU B 222 21.53 -3.24 11.98
N ASN B 223 20.25 -3.48 12.24
CA ASN B 223 19.84 -4.06 13.51
C ASN B 223 20.16 -5.55 13.50
N LEU B 224 20.79 -6.03 14.56
CA LEU B 224 21.13 -7.44 14.64
C LEU B 224 20.62 -8.01 15.96
N THR B 225 19.95 -9.15 15.86
CA THR B 225 19.40 -9.83 17.02
C THR B 225 19.84 -11.28 17.01
N PRO B 226 20.82 -11.64 17.88
CA PRO B 226 21.21 -13.05 17.97
C PRO B 226 20.06 -13.93 18.45
N ALA B 227 19.93 -15.11 17.85
CA ALA B 227 18.88 -16.05 18.26
C ALA B 227 19.50 -17.23 18.99
N TYR B 228 18.84 -17.69 20.04
CA TYR B 228 19.33 -18.83 20.82
C TYR B 228 18.25 -19.90 20.93
N PRO B 229 18.63 -21.19 20.79
CA PRO B 229 17.72 -22.32 20.96
C PRO B 229 17.17 -22.39 22.39
N ALA B 230 15.86 -22.49 22.55
CA ALA B 230 15.26 -22.63 23.86
C ALA B 230 15.69 -23.96 24.49
N GLY B 231 15.93 -24.95 23.63
CA GLY B 231 16.26 -26.29 24.09
C GLY B 231 17.40 -26.98 23.37
N ASP B 232 17.52 -28.28 23.65
CA ASP B 232 18.67 -29.10 23.24
C ASP B 232 18.53 -29.63 21.81
N SER B 233 17.31 -29.98 21.43
CA SER B 233 17.01 -30.59 20.13
C SER B 233 17.65 -29.85 18.95
N GLU B 234 18.08 -30.63 17.96
CA GLU B 234 18.56 -30.04 16.71
C GLU B 234 17.42 -29.25 16.08
N LYS B 235 16.21 -29.65 16.45
CA LYS B 235 14.98 -29.01 16.00
C LYS B 235 14.84 -27.56 16.47
N ASP B 236 15.11 -27.30 17.75
CA ASP B 236 15.13 -25.93 18.27
C ASP B 236 16.31 -25.17 17.67
N VAL B 237 17.41 -25.87 17.46
CA VAL B 237 18.61 -25.28 16.87
C VAL B 237 18.33 -24.78 15.47
N LYS B 238 17.63 -25.59 14.68
CA LYS B 238 17.27 -25.19 13.32
C LYS B 238 16.31 -24.02 13.33
N ALA B 239 15.28 -24.11 14.18
CA ALA B 239 14.31 -23.02 14.32
C ALA B 239 14.98 -21.68 14.62
N ALA B 240 15.94 -21.69 15.55
CA ALA B 240 16.69 -20.49 15.91
C ALA B 240 17.59 -20.04 14.76
N SER B 241 18.15 -21.01 14.05
CA SER B 241 19.00 -20.75 12.89
C SER B 241 18.25 -19.98 11.81
N LEU B 242 17.01 -20.38 11.55
CA LEU B 242 16.20 -19.74 10.51
C LEU B 242 15.74 -18.34 10.89
N LEU B 243 15.33 -18.15 12.14
CA LEU B 243 14.92 -16.82 12.59
C LEU B 243 16.13 -15.90 12.60
N ASP B 244 17.27 -16.44 12.98
CA ASP B 244 18.51 -15.68 12.94
C ASP B 244 18.80 -15.16 11.52
N ASP B 245 18.70 -16.04 10.53
CA ASP B 245 18.96 -15.66 9.13
C ASP B 245 17.93 -14.65 8.63
N TYR B 246 16.70 -14.82 9.10
CA TYR B 246 15.56 -13.97 8.74
C TYR B 246 15.86 -12.51 9.01
N ILE B 247 16.53 -12.25 10.13
CA ILE B 247 16.87 -10.88 10.53
C ILE B 247 18.30 -10.45 10.17
N ASN B 248 19.27 -11.32 10.47
CA ASN B 248 20.68 -10.99 10.34
C ASN B 248 21.35 -11.36 9.00
N ALA B 249 21.41 -12.65 8.68
CA ALA B 249 22.10 -13.10 7.47
C ALA B 249 21.47 -12.51 6.19
N TRP B 250 20.16 -12.25 6.22
CA TRP B 250 19.48 -11.77 5.02
C TRP B 250 20.07 -10.44 4.55
N PHE B 251 20.64 -9.66 5.47
CA PHE B 251 21.30 -8.41 5.09
C PHE B 251 22.84 -8.48 5.13
N LEU B 252 23.38 -9.21 6.11
CA LEU B 252 24.82 -9.37 6.22
C LEU B 252 25.43 -10.10 5.03
N SER B 253 24.75 -11.15 4.58
CA SER B 253 25.32 -11.95 3.50
C SER B 253 25.38 -11.21 2.14
N PRO B 254 24.30 -10.50 1.75
CA PRO B 254 24.45 -9.75 0.50
C PRO B 254 25.53 -8.67 0.59
N VAL B 255 25.54 -7.91 1.69
CA VAL B 255 26.52 -6.86 1.88
C VAL B 255 27.98 -7.36 1.85
N PHE B 256 28.27 -8.45 2.55
CA PHE B 256 29.67 -8.89 2.71
C PHE B 256 30.05 -10.13 1.90
N LYS B 257 29.07 -10.88 1.41
CA LYS B 257 29.38 -12.07 0.62
C LYS B 257 28.77 -12.04 -0.77
N GLY B 258 27.88 -11.10 -1.02
CA GLY B 258 27.27 -10.95 -2.34
C GLY B 258 26.25 -12.02 -2.69
N SER B 259 25.58 -12.58 -1.68
CA SER B 259 24.53 -13.57 -1.93
C SER B 259 23.53 -13.60 -0.79
N TYR B 260 22.29 -13.95 -1.09
CA TYR B 260 21.30 -14.16 -0.04
C TYR B 260 21.57 -15.54 0.56
N PRO B 261 21.30 -15.70 1.87
CA PRO B 261 21.50 -17.02 2.51
C PRO B 261 20.64 -18.07 1.82
N GLU B 262 21.26 -19.18 1.41
CA GLU B 262 20.65 -20.14 0.49
C GLU B 262 19.35 -20.77 0.98
N GLU B 263 19.33 -21.20 2.24
CA GLU B 263 18.19 -21.92 2.78
C GLU B 263 16.93 -21.05 2.86
N LEU B 264 17.10 -19.80 3.30
CA LEU B 264 15.99 -18.86 3.32
C LEU B 264 15.53 -18.55 1.91
N HIS B 265 16.50 -18.41 1.01
CA HIS B 265 16.24 -18.10 -0.39
C HIS B 265 15.33 -19.18 -0.99
N HIS B 266 15.59 -20.44 -0.67
CA HIS B 266 14.80 -21.57 -1.16
C HIS B 266 13.38 -21.52 -0.57
N ILE B 267 13.30 -21.29 0.73
CA ILE B 267 12.01 -21.26 1.41
C ILE B 267 11.09 -20.15 0.89
N TYR B 268 11.61 -18.93 0.80
CA TYR B 268 10.84 -17.80 0.27
C TYR B 268 10.36 -18.10 -1.15
N GLU B 269 11.27 -18.60 -1.98
CA GLU B 269 10.93 -18.76 -3.39
C GLU B 269 9.88 -19.84 -3.60
N GLN B 270 9.96 -20.93 -2.85
CA GLN B 270 8.99 -22.01 -3.04
C GLN B 270 7.62 -21.63 -2.50
N ASN B 271 7.58 -20.78 -1.48
CA ASN B 271 6.32 -20.39 -0.88
C ASN B 271 5.70 -19.12 -1.45
N LEU B 272 6.53 -18.20 -1.94
CA LEU B 272 6.04 -16.89 -2.36
C LEU B 272 6.30 -16.58 -3.84
N GLY B 273 7.17 -17.36 -4.47
CA GLY B 273 7.66 -17.03 -5.80
C GLY B 273 8.82 -16.07 -5.66
N ALA B 274 9.65 -15.93 -6.70
CA ALA B 274 10.84 -15.07 -6.62
C ALA B 274 10.49 -13.58 -6.73
N PHE B 275 11.23 -12.73 -6.02
CA PHE B 275 11.15 -11.29 -6.26
C PHE B 275 12.07 -10.90 -7.43
N THR B 276 11.90 -9.69 -7.94
CA THR B 276 12.58 -9.26 -9.16
C THR B 276 13.97 -8.71 -8.89
N THR B 277 14.97 -9.24 -9.60
CA THR B 277 16.34 -8.75 -9.48
C THR B 277 16.93 -8.62 -10.89
N GLN B 278 17.95 -7.77 -11.04
CA GLN B 278 18.66 -7.61 -12.31
C GLN B 278 20.05 -8.22 -12.14
N PRO B 279 20.69 -8.60 -13.26
CA PRO B 279 22.06 -9.10 -13.14
C PRO B 279 22.97 -8.00 -12.63
N GLY B 280 23.95 -8.36 -11.83
CA GLY B 280 24.89 -7.36 -11.34
C GLY B 280 24.41 -6.63 -10.09
N ASP B 281 23.17 -6.91 -9.65
CA ASP B 281 22.64 -6.29 -8.44
C ASP B 281 23.50 -6.69 -7.24
N MET B 282 23.88 -7.95 -7.15
CA MET B 282 24.65 -8.43 -6.01
C MET B 282 26.06 -7.83 -5.91
N ASP B 283 26.66 -7.54 -7.07
CA ASP B 283 27.95 -6.87 -7.10
C ASP B 283 27.84 -5.44 -6.61
N ILE B 284 26.76 -4.75 -6.96
CA ILE B 284 26.49 -3.40 -6.45
C ILE B 284 26.23 -3.44 -4.93
N ILE B 285 25.39 -4.38 -4.49
CA ILE B 285 25.03 -4.49 -3.07
C ILE B 285 26.26 -4.76 -2.20
N SER B 286 27.17 -5.58 -2.74
CA SER B 286 28.37 -5.97 -2.00
C SER B 286 29.60 -5.12 -2.27
N ARG B 287 29.41 -3.86 -2.69
CA ARG B 287 30.57 -2.97 -2.83
C ARG B 287 31.30 -2.86 -1.50
N ASP B 288 32.62 -2.72 -1.57
CA ASP B 288 33.43 -2.58 -0.37
C ASP B 288 33.04 -1.30 0.36
N ILE B 289 32.81 -1.41 1.66
CA ILE B 289 32.46 -0.25 2.49
C ILE B 289 33.52 -0.09 3.56
N ASP B 290 33.50 1.03 4.26
CA ASP B 290 34.56 1.37 5.20
C ASP B 290 34.33 0.91 6.64
N PHE B 291 33.07 0.74 7.03
CA PHE B 291 32.74 0.24 8.36
C PHE B 291 31.33 -0.36 8.38
N LEU B 292 31.01 -1.14 9.42
CA LEU B 292 29.64 -1.61 9.65
C LEU B 292 29.11 -1.01 10.93
N GLY B 293 27.91 -0.44 10.85
CA GLY B 293 27.22 0.01 12.05
C GLY B 293 26.28 -1.07 12.54
N ILE B 294 26.38 -1.42 13.82
CA ILE B 294 25.51 -2.44 14.41
C ILE B 294 24.57 -1.84 15.47
N ASN B 295 23.26 -2.05 15.31
CA ASN B 295 22.30 -1.62 16.31
C ASN B 295 21.92 -2.82 17.15
N TYR B 296 22.25 -2.81 18.43
CA TYR B 296 21.96 -3.97 19.29
C TYR B 296 21.11 -3.57 20.47
N TYR B 297 20.08 -4.37 20.76
CA TYR B 297 19.20 -4.13 21.90
C TYR B 297 19.00 -5.38 22.76
N SER B 298 18.75 -6.52 22.12
CA SER B 298 18.40 -7.75 22.84
C SER B 298 18.67 -8.98 21.98
N ARG B 299 18.33 -10.15 22.52
CA ARG B 299 18.41 -11.40 21.76
C ARG B 299 16.99 -11.94 21.57
N MET B 300 16.87 -13.02 20.81
CA MET B 300 15.62 -13.79 20.84
C MET B 300 15.91 -15.25 21.16
N VAL B 301 15.05 -15.86 21.96
CA VAL B 301 15.17 -17.28 22.29
C VAL B 301 14.08 -18.00 21.51
N VAL B 302 14.46 -19.08 20.83
CA VAL B 302 13.60 -19.68 19.82
C VAL B 302 13.40 -21.19 20.00
N ARG B 303 12.15 -21.64 19.90
CA ARG B 303 11.87 -23.07 19.91
C ARG B 303 11.12 -23.49 18.65
N HIS B 304 11.17 -24.77 18.32
CA HIS B 304 10.42 -25.28 17.18
C HIS B 304 8.93 -25.37 17.50
N LYS B 305 8.12 -24.82 16.61
CA LYS B 305 6.67 -25.03 16.68
C LYS B 305 6.16 -25.37 15.30
N PRO B 306 5.61 -26.59 15.14
CA PRO B 306 5.14 -27.05 13.84
C PRO B 306 3.78 -26.44 13.53
N GLY B 307 3.53 -25.24 14.08
CA GLY B 307 2.30 -24.53 13.86
C GLY B 307 2.34 -23.80 12.53
N ASP B 308 1.91 -22.54 12.54
CA ASP B 308 1.79 -21.82 11.28
C ASP B 308 2.71 -20.60 11.12
N ASN B 309 3.91 -20.88 10.62
CA ASN B 309 4.74 -19.92 9.89
C ASN B 309 5.85 -20.66 9.13
N LEU B 310 6.43 -20.00 8.14
CA LEU B 310 7.38 -20.62 7.22
C LEU B 310 8.63 -21.22 7.87
N PHE B 311 8.99 -20.74 9.07
CA PHE B 311 10.24 -21.14 9.70
C PHE B 311 10.01 -22.17 10.80
N ASN B 312 8.76 -22.60 10.96
CA ASN B 312 8.36 -23.47 12.08
C ASN B 312 9.06 -23.12 13.38
N ALA B 313 9.04 -21.83 13.70
CA ALA B 313 9.74 -21.32 14.87
C ALA B 313 8.87 -20.31 15.60
N GLU B 314 8.99 -20.26 16.92
CA GLU B 314 8.36 -19.19 17.67
C GLU B 314 9.29 -18.70 18.77
N VAL B 315 9.17 -17.42 19.11
CA VAL B 315 10.04 -16.81 20.09
C VAL B 315 9.50 -17.00 21.50
N VAL B 316 10.39 -17.30 22.44
CA VAL B 316 10.01 -17.56 23.81
C VAL B 316 10.15 -16.32 24.68
N LYS B 317 9.09 -15.97 25.41
CA LYS B 317 9.14 -14.92 26.42
C LYS B 317 10.01 -15.44 27.56
N MET B 318 11.07 -14.73 27.91
CA MET B 318 11.91 -15.12 29.03
C MET B 318 11.40 -14.38 30.26
N GLU B 319 10.37 -14.95 30.88
CA GLU B 319 9.57 -14.26 31.87
C GLU B 319 10.24 -14.09 33.23
N ASP B 320 11.34 -14.80 33.45
CA ASP B 320 12.03 -14.69 34.74
C ASP B 320 13.43 -14.08 34.57
N ARG B 321 13.57 -13.25 33.53
CA ARG B 321 14.77 -12.46 33.35
C ARG B 321 14.36 -11.00 33.26
N PRO B 322 15.23 -10.09 33.75
CA PRO B 322 15.01 -8.65 33.67
C PRO B 322 14.64 -8.19 32.26
N SER B 323 13.67 -7.28 32.17
CA SER B 323 13.28 -6.69 30.90
C SER B 323 13.16 -5.16 30.98
N THR B 324 13.03 -4.53 29.82
CA THR B 324 12.87 -3.08 29.75
C THR B 324 11.39 -2.73 29.61
N GLU B 325 11.08 -1.44 29.53
CA GLU B 325 9.71 -0.99 29.29
C GLU B 325 9.15 -1.47 27.93
N MET B 326 10.04 -1.87 27.03
CA MET B 326 9.62 -2.44 25.75
C MET B 326 9.19 -3.90 25.88
N GLY B 327 9.54 -4.51 27.01
CA GLY B 327 9.37 -5.94 27.17
C GLY B 327 10.60 -6.73 26.71
N TRP B 328 11.65 -6.03 26.30
CA TRP B 328 12.85 -6.69 25.78
C TRP B 328 13.71 -7.25 26.90
N GLU B 329 14.20 -8.48 26.73
CA GLU B 329 15.11 -9.05 27.71
C GLU B 329 16.43 -8.26 27.73
N ILE B 330 16.96 -8.06 28.93
CA ILE B 330 18.27 -7.44 29.08
C ILE B 330 19.30 -8.55 29.05
N TYR B 331 20.07 -8.58 27.97
CA TYR B 331 21.00 -9.67 27.71
C TYR B 331 22.28 -9.10 27.09
N PRO B 332 23.16 -8.54 27.94
CA PRO B 332 24.38 -7.85 27.49
C PRO B 332 25.29 -8.79 26.72
N GLN B 333 25.31 -10.07 27.08
CA GLN B 333 26.20 -11.04 26.45
C GLN B 333 25.99 -11.16 24.94
N GLY B 334 24.77 -10.91 24.47
CA GLY B 334 24.48 -10.96 23.04
C GLY B 334 25.25 -9.91 22.23
N LEU B 335 25.59 -8.79 22.85
CA LEU B 335 26.39 -7.76 22.17
C LEU B 335 27.78 -8.29 21.86
N TYR B 336 28.41 -8.92 22.85
CA TYR B 336 29.69 -9.57 22.65
C TYR B 336 29.59 -10.64 21.56
N ASP B 337 28.57 -11.50 21.69
CA ASP B 337 28.37 -12.62 20.78
C ASP B 337 28.23 -12.17 19.34
N ILE B 338 27.42 -11.14 19.09
CA ILE B 338 27.20 -10.64 17.73
C ILE B 338 28.42 -9.89 17.15
N LEU B 339 29.13 -9.12 17.98
CA LEU B 339 30.35 -8.45 17.53
C LEU B 339 31.39 -9.48 17.10
N VAL B 340 31.56 -10.49 17.92
CA VAL B 340 32.54 -11.56 17.62
C VAL B 340 32.12 -12.28 16.32
N ARG B 341 30.85 -12.56 16.22
CA ARG B 341 30.34 -13.25 15.07
C ARG B 341 30.52 -12.49 13.78
N VAL B 342 30.22 -11.20 13.75
CA VAL B 342 30.33 -10.48 12.52
C VAL B 342 31.79 -10.46 12.07
N ASN B 343 32.66 -10.27 13.04
CA ASN B 343 34.09 -10.24 12.77
C ASN B 343 34.63 -11.58 12.28
N LYS B 344 34.07 -12.69 12.77
CA LYS B 344 34.59 -14.00 12.38
C LYS B 344 34.04 -14.47 11.05
N GLU B 345 32.77 -14.18 10.79
CA GLU B 345 32.07 -14.84 9.69
C GLU B 345 31.81 -13.94 8.48
N TYR B 346 31.82 -12.62 8.67
CA TYR B 346 31.40 -11.72 7.59
C TYR B 346 32.44 -10.68 7.12
N THR B 347 33.15 -10.07 8.06
CA THR B 347 34.00 -8.92 7.73
C THR B 347 35.04 -8.59 8.79
N ASP B 348 36.24 -8.20 8.35
CA ASP B 348 37.31 -7.73 9.24
C ASP B 348 37.35 -6.21 9.34
N LYS B 349 36.38 -5.56 8.71
CA LYS B 349 36.31 -4.10 8.70
CA LYS B 349 36.29 -4.09 8.69
C LYS B 349 35.97 -3.56 10.09
N PRO B 350 36.32 -2.28 10.34
CA PRO B 350 36.00 -1.65 11.62
C PRO B 350 34.50 -1.65 11.92
N LEU B 351 34.14 -1.86 13.19
CA LEU B 351 32.74 -1.92 13.60
C LEU B 351 32.44 -0.75 14.54
N TYR B 352 31.22 -0.21 14.44
CA TYR B 352 30.71 0.77 15.40
C TYR B 352 29.42 0.23 15.97
N ILE B 353 29.18 0.42 17.26
CA ILE B 353 27.83 0.24 17.76
C ILE B 353 27.12 1.58 17.51
N THR B 354 26.31 1.62 16.45
CA THR B 354 25.64 2.86 16.07
C THR B 354 24.38 3.12 16.89
N GLU B 355 23.90 2.08 17.60
CA GLU B 355 22.81 2.20 18.57
C GLU B 355 22.86 1.12 19.63
N ASN B 356 22.79 1.53 20.90
CA ASN B 356 22.41 0.66 22.01
C ASN B 356 21.77 1.52 23.11
N GLY B 357 20.73 1.02 23.76
CA GLY B 357 20.00 1.79 24.75
C GLY B 357 18.78 1.05 25.28
N ALA B 358 17.99 1.74 26.08
CA ALA B 358 16.87 1.09 26.74
C ALA B 358 15.82 2.10 27.17
N ALA B 359 14.56 1.66 27.14
CA ALA B 359 13.45 2.45 27.62
C ALA B 359 13.11 1.99 29.03
N PHE B 360 13.07 2.94 29.96
CA PHE B 360 12.54 2.70 31.29
C PHE B 360 11.53 3.77 31.63
N ASP B 361 10.77 3.55 32.69
CA ASP B 361 9.71 4.46 33.11
C ASP B 361 10.30 5.63 33.89
N ASP B 362 10.81 6.62 33.17
CA ASP B 362 11.49 7.76 33.78
C ASP B 362 10.54 8.73 34.45
N LYS B 363 10.88 9.13 35.67
CA LYS B 363 10.08 10.11 36.40
C LYS B 363 10.91 11.35 36.70
N LEU B 364 10.35 12.51 36.32
CA LEU B 364 10.97 13.80 36.57
C LEU B 364 10.59 14.27 37.96
N THR B 365 11.58 14.50 38.81
CA THR B 365 11.31 14.95 40.19
C THR B 365 11.08 16.46 40.23
N GLU B 366 10.58 16.94 41.37
CA GLU B 366 10.39 18.38 41.56
C GLU B 366 11.71 19.11 41.38
N GLU B 367 12.80 18.47 41.78
CA GLU B 367 14.14 19.04 41.67
C GLU B 367 14.64 19.16 40.22
N GLY B 368 13.89 18.62 39.27
CA GLY B 368 14.34 18.59 37.89
C GLY B 368 15.40 17.52 37.66
N LYS B 369 15.27 16.41 38.37
CA LYS B 369 16.21 15.30 38.25
C LYS B 369 15.49 14.04 37.76
N ILE B 370 16.25 13.16 37.12
CA ILE B 370 15.76 11.85 36.69
C ILE B 370 16.74 10.78 37.14
N HIS B 371 16.37 10.02 38.16
CA HIS B 371 17.28 9.01 38.70
C HIS B 371 17.08 7.69 37.98
N ASP B 372 17.62 7.60 36.76
CA ASP B 372 17.44 6.40 35.96
C ASP B 372 18.53 5.38 36.20
N GLU B 373 18.53 4.82 37.40
CA GLU B 373 19.49 3.82 37.83
C GLU B 373 19.51 2.59 36.92
N LYS B 374 18.33 2.16 36.47
CA LYS B 374 18.24 1.01 35.57
C LYS B 374 18.92 1.25 34.21
N ARG B 375 18.87 2.48 33.72
CA ARG B 375 19.51 2.79 32.43
C ARG B 375 21.03 2.81 32.57
N ILE B 376 21.51 3.31 33.71
CA ILE B 376 22.94 3.28 34.00
C ILE B 376 23.43 1.83 34.08
N ASN B 377 22.68 0.99 34.78
CA ASN B 377 23.06 -0.42 34.89
C ASN B 377 23.06 -1.11 33.52
N TYR B 378 22.06 -0.81 32.69
CA TYR B 378 21.93 -1.40 31.35
C TYR B 378 23.12 -1.01 30.46
N LEU B 379 23.34 0.29 30.32
CA LEU B 379 24.45 0.81 29.51
C LEU B 379 25.81 0.28 30.00
N GLY B 380 26.03 0.35 31.32
CA GLY B 380 27.29 -0.09 31.89
C GLY B 380 27.56 -1.56 31.59
N ASP B 381 26.51 -2.38 31.71
CA ASP B 381 26.63 -3.81 31.44
C ASP B 381 26.98 -4.04 29.97
N HIS B 382 26.37 -3.26 29.08
CA HIS B 382 26.65 -3.43 27.67
C HIS B 382 28.03 -2.86 27.30
N PHE B 383 28.41 -1.71 27.89
CA PHE B 383 29.76 -1.17 27.67
C PHE B 383 30.84 -2.20 28.04
N LYS B 384 30.62 -2.92 29.13
CA LYS B 384 31.56 -3.95 29.57
C LYS B 384 31.70 -5.10 28.56
N GLN B 385 30.60 -5.46 27.91
CA GLN B 385 30.65 -6.51 26.88
C GLN B 385 31.30 -5.99 25.60
N ALA B 386 31.13 -4.70 25.33
CA ALA B 386 31.81 -4.10 24.19
C ALA B 386 33.31 -4.10 24.46
N TYR B 387 33.70 -3.78 25.69
CA TYR B 387 35.10 -3.80 26.10
C TYR B 387 35.73 -5.17 25.92
N LYS B 388 34.98 -6.20 26.31
CA LYS B 388 35.45 -7.58 26.22
C LYS B 388 35.68 -8.00 24.78
N ALA B 389 34.77 -7.61 23.88
CA ALA B 389 34.93 -7.93 22.46
C ALA B 389 36.16 -7.22 21.88
N LEU B 390 36.37 -5.98 22.32
CA LEU B 390 37.51 -5.18 21.85
C LEU B 390 38.84 -5.81 22.28
N LYS B 391 38.93 -6.19 23.55
CA LYS B 391 40.15 -6.80 24.08
C LYS B 391 40.40 -8.16 23.44
N ASP B 392 39.35 -8.75 22.88
CA ASP B 392 39.48 -10.03 22.20
C ASP B 392 39.76 -9.87 20.70
N GLY B 393 40.04 -8.65 20.26
CA GLY B 393 40.50 -8.41 18.90
C GLY B 393 39.47 -7.89 17.91
N VAL B 394 38.25 -7.59 18.37
CA VAL B 394 37.24 -7.00 17.49
C VAL B 394 37.56 -5.52 17.31
N PRO B 395 37.70 -5.07 16.03
CA PRO B 395 38.12 -3.70 15.77
C PRO B 395 36.99 -2.68 16.00
N LEU B 396 36.51 -2.64 17.24
CA LEU B 396 35.42 -1.75 17.62
C LEU B 396 35.92 -0.32 17.79
N ARG B 397 35.40 0.62 16.99
CA ARG B 397 35.92 1.99 16.98
C ARG B 397 35.06 3.01 17.72
N GLY B 398 33.81 2.65 18.05
CA GLY B 398 32.90 3.60 18.64
C GLY B 398 31.61 2.98 19.15
N TYR B 399 30.83 3.76 19.87
CA TYR B 399 29.63 3.30 20.54
C TYR B 399 28.68 4.48 20.67
N TYR B 400 27.50 4.40 20.04
CA TYR B 400 26.51 5.46 20.11
C TYR B 400 25.30 5.02 20.95
N VAL B 401 25.01 5.78 22.00
CA VAL B 401 23.83 5.49 22.82
C VAL B 401 22.56 5.96 22.14
N TRP B 402 21.57 5.07 22.03
CA TRP B 402 20.23 5.50 21.64
C TRP B 402 19.42 5.75 22.90
N SER B 403 18.94 6.98 23.11
CA SER B 403 19.09 8.10 22.18
C SER B 403 19.66 9.29 22.94
N LEU B 404 20.09 10.34 22.23
CA LEU B 404 20.49 11.57 22.89
C LEU B 404 19.36 12.10 23.77
N MET B 405 18.14 12.09 23.24
CA MET B 405 16.98 12.61 23.98
C MET B 405 15.77 11.72 23.78
N ASP B 406 14.81 11.82 24.70
CA ASP B 406 13.51 11.15 24.55
C ASP B 406 12.88 11.69 23.27
N ASN B 407 12.10 10.87 22.58
CA ASN B 407 11.59 11.30 21.27
C ASN B 407 10.32 10.53 20.86
N PHE B 408 9.84 10.77 19.65
CA PHE B 408 8.70 10.06 19.08
C PHE B 408 9.14 8.66 18.67
N GLU B 409 8.84 7.67 19.50
CA GLU B 409 9.26 6.29 19.23
C GLU B 409 8.27 5.53 18.32
N TRP B 410 8.08 6.07 17.13
CA TRP B 410 7.31 5.43 16.06
C TRP B 410 5.90 5.07 16.52
N ALA B 411 5.50 3.80 16.44
CA ALA B 411 4.09 3.45 16.75
C ALA B 411 3.74 3.56 18.24
N TYR B 412 4.77 3.60 19.08
CA TYR B 412 4.63 3.85 20.52
C TYR B 412 4.50 5.33 20.87
N GLY B 413 4.77 6.22 19.92
CA GLY B 413 4.55 7.63 20.18
C GLY B 413 5.51 8.11 21.25
N TYR B 414 5.06 9.02 22.11
CA TYR B 414 5.92 9.55 23.17
C TYR B 414 5.91 8.72 24.44
N SER B 415 5.25 7.56 24.40
CA SER B 415 5.06 6.74 25.60
C SER B 415 6.32 5.96 25.99
N LYS B 416 7.34 5.93 25.14
CA LYS B 416 8.56 5.20 25.50
C LYS B 416 9.74 6.13 25.45
N ARG B 417 10.53 6.16 26.53
CA ARG B 417 11.64 7.10 26.67
C ARG B 417 13.00 6.39 26.72
N PHE B 418 13.82 6.62 25.69
CA PHE B 418 15.16 6.01 25.58
C PHE B 418 16.28 7.00 25.89
N GLY B 419 15.94 8.27 26.11
CA GLY B 419 16.96 9.32 26.11
C GLY B 419 17.90 9.39 27.31
N LEU B 420 19.02 10.09 27.11
CA LEU B 420 19.92 10.47 28.18
C LEU B 420 19.41 11.82 28.68
N ILE B 421 18.66 12.50 27.82
CA ILE B 421 18.02 13.76 28.18
C ILE B 421 16.50 13.57 28.22
N TYR B 422 15.86 14.00 29.31
CA TYR B 422 14.40 13.90 29.45
C TYR B 422 13.77 15.11 28.76
N VAL B 423 12.77 14.88 27.93
CA VAL B 423 12.09 15.99 27.28
C VAL B 423 10.67 16.17 27.84
N ASP B 424 10.45 17.31 28.49
CA ASP B 424 9.15 17.60 29.11
C ASP B 424 8.27 18.29 28.07
N TYR B 425 7.62 17.50 27.23
CA TYR B 425 6.94 18.00 26.04
C TYR B 425 5.93 19.10 26.32
N GLU B 426 5.13 18.91 27.35
CA GLU B 426 4.02 19.81 27.68
C GLU B 426 4.42 21.06 28.45
N ASN B 427 5.71 21.22 28.75
CA ASN B 427 6.17 22.42 29.44
C ASN B 427 7.29 23.14 28.68
N GLY B 428 6.97 23.61 27.48
CA GLY B 428 7.89 24.37 26.66
C GLY B 428 8.97 23.52 26.01
N ASN B 429 8.74 22.20 25.99
CA ASN B 429 9.71 21.24 25.46
C ASN B 429 11.06 21.36 26.17
N ARG B 430 11.05 21.62 27.47
CA ARG B 430 12.32 21.81 28.15
C ARG B 430 13.03 20.48 28.36
N ARG B 431 14.36 20.55 28.38
CA ARG B 431 15.22 19.40 28.46
C ARG B 431 15.86 19.32 29.86
N PHE B 432 15.97 18.10 30.40
CA PHE B 432 16.65 17.89 31.67
C PHE B 432 17.65 16.77 31.50
N LEU B 433 18.84 16.90 32.06
CA LEU B 433 19.82 15.81 31.97
C LEU B 433 19.40 14.70 32.93
N LYS B 434 19.35 13.46 32.47
CA LYS B 434 19.03 12.37 33.39
C LYS B 434 20.32 12.00 34.10
N ASP B 435 20.24 11.21 35.16
CA ASP B 435 21.45 10.74 35.84
C ASP B 435 22.35 9.92 34.90
N SER B 436 21.75 9.23 33.92
CA SER B 436 22.54 8.48 32.96
C SER B 436 23.42 9.37 32.09
N ALA B 437 22.96 10.60 31.82
CA ALA B 437 23.75 11.57 31.05
C ALA B 437 24.98 12.04 31.81
N LEU B 438 24.81 12.29 33.11
CA LEU B 438 25.90 12.68 33.99
C LEU B 438 26.87 11.52 34.20
N TRP B 439 26.32 10.31 34.33
CA TRP B 439 27.14 9.11 34.45
C TRP B 439 27.97 8.91 33.19
N TYR B 440 27.34 9.09 32.04
CA TYR B 440 28.00 8.89 30.75
C TYR B 440 29.13 9.90 30.56
N ARG B 441 28.89 11.14 30.98
CA ARG B 441 29.93 12.17 30.98
C ARG B 441 31.21 11.70 31.65
N GLU B 442 31.08 11.12 32.84
CA GLU B 442 32.24 10.63 33.58
C GLU B 442 32.98 9.54 32.80
N VAL B 443 32.20 8.65 32.18
CA VAL B 443 32.75 7.56 31.38
C VAL B 443 33.60 8.10 30.24
N ILE B 444 33.09 9.11 29.55
CA ILE B 444 33.81 9.76 28.47
C ILE B 444 35.02 10.54 28.97
N GLU B 445 34.84 11.32 30.03
CA GLU B 445 35.92 12.15 30.59
C GLU B 445 37.12 11.31 31.02
N LYS B 446 36.85 10.19 31.67
CA LYS B 446 37.90 9.34 32.22
C LYS B 446 38.30 8.23 31.28
N GLY B 447 37.51 8.05 30.21
CA GLY B 447 37.73 6.97 29.26
C GLY B 447 37.62 5.60 29.92
N GLN B 448 36.81 5.54 30.99
CA GLN B 448 36.78 4.37 31.86
C GLN B 448 35.39 4.16 32.48
N VAL B 449 35.01 2.90 32.63
CA VAL B 449 33.67 2.55 33.11
C VAL B 449 33.67 2.25 34.61
#